data_5K2Y
#
_entry.id   5K2Y
#
_cell.length_a   86.990
_cell.length_b   52.350
_cell.length_c   87.890
_cell.angle_alpha   90.000
_cell.angle_beta   90.880
_cell.angle_gamma   90.000
#
_symmetry.space_group_name_H-M   'P 1 21 1'
#
loop_
_entity.id
_entity.type
_entity.pdbx_description
1 polymer 'Probable periplasmic sugar-binding lipoprotein UspC'
2 water water
#
_entity_poly.entity_id   1
_entity_poly.type   'polypeptide(L)'
_entity_poly.pdbx_seq_one_letter_code
;IVVTVRLWDEPIAAAYRQSFAAFTRSHPDIEVRTNLVAYSTYFETLRTDVAGGSADDIFWLSNAYFAAYADSGRLMKIQT
DAADWEPAVVDQFTRSGVLWGVPQLTDAGIAVFYNADLLAAAGVDPTQVDNLRWSRGDDDTLRPMLARLTVDADGRTANT
PGFDARRVRQWGYNAANDPQAIYLNYIGSAGGVFQRDGKFAFDNPGAIEAFRYLVGLINDDHVAPPASDTNDNGDFSRNQ
FLAGKMALFQSGTYSLAPVARDALFHWGVAMLPAGPAGRVSVTNGIAAAGNSASKHPDAVRQVLAWMGSTEGNSYLGRHG
AAIPAVLSAQPVYFDYWSARGVDVTPFFAVLNGPRIAAPGGAGFAAGQQALEPYFDEMFLGRGDVTTTLRQAQAAANAAT
QRKLAAALEHHHHHH
;
_entity_poly.pdbx_strand_id   A,B
#
# COMPACT_ATOMS: atom_id res chain seq x y z
N ILE A 1 -11.14 -10.12 -31.19
CA ILE A 1 -10.78 -11.35 -30.36
C ILE A 1 -10.15 -11.11 -28.96
N VAL A 2 -10.87 -11.51 -27.91
CA VAL A 2 -10.39 -11.41 -26.52
C VAL A 2 -9.69 -12.68 -25.97
N VAL A 3 -8.38 -12.60 -25.67
CA VAL A 3 -7.70 -13.66 -24.93
C VAL A 3 -7.70 -13.25 -23.45
N THR A 4 -8.16 -14.14 -22.58
CA THR A 4 -8.08 -13.90 -21.11
C THR A 4 -6.85 -14.60 -20.47
N VAL A 5 -6.18 -13.85 -19.59
CA VAL A 5 -5.02 -14.33 -18.84
C VAL A 5 -5.38 -14.33 -17.35
N ARG A 6 -5.34 -15.51 -16.75
CA ARG A 6 -5.56 -15.68 -15.32
C ARG A 6 -4.24 -15.74 -14.49
N LEU A 7 -4.23 -15.07 -13.33
CA LEU A 7 -3.09 -14.99 -12.39
C LEU A 7 -3.57 -14.49 -11.01
N TRP A 8 -2.64 -14.37 -10.06
CA TRP A 8 -2.99 -14.10 -8.67
C TRP A 8 -2.24 -12.93 -8.01
N ASP A 9 -1.18 -12.40 -8.64
CA ASP A 9 -0.49 -11.21 -8.10
C ASP A 9 -0.95 -9.89 -8.76
N GLU A 10 -1.40 -8.97 -7.92
CA GLU A 10 -1.93 -7.66 -8.35
C GLU A 10 -0.89 -6.72 -9.02
N PRO A 11 0.23 -6.38 -8.33
CA PRO A 11 1.25 -5.57 -9.05
C PRO A 11 1.63 -6.20 -10.43
N ILE A 12 1.70 -7.53 -10.49
CA ILE A 12 2.02 -8.14 -11.78
C ILE A 12 0.88 -8.03 -12.80
N ALA A 13 -0.35 -7.99 -12.31
CA ALA A 13 -1.48 -7.78 -13.20
C ALA A 13 -1.32 -6.41 -13.85
N ALA A 14 -0.86 -5.42 -13.07
CA ALA A 14 -0.58 -4.06 -13.56
C ALA A 14 0.48 -4.07 -14.67
N ALA A 15 1.57 -4.77 -14.43
CA ALA A 15 2.64 -4.93 -15.39
C ALA A 15 2.19 -5.68 -16.70
N TYR A 16 1.42 -6.75 -16.52
CA TYR A 16 0.75 -7.40 -17.66
C TYR A 16 -0.07 -6.40 -18.48
N ARG A 17 -0.85 -5.54 -17.83
CA ARG A 17 -1.69 -4.57 -18.57
C ARG A 17 -0.84 -3.65 -19.45
N GLN A 18 0.31 -3.25 -18.93
CA GLN A 18 1.30 -2.50 -19.65
C GLN A 18 1.95 -3.30 -20.80
N SER A 19 2.29 -4.56 -20.55
CA SER A 19 2.80 -5.53 -21.58
C SER A 19 1.81 -5.78 -22.74
N PHE A 20 0.57 -6.11 -22.40
CA PHE A 20 -0.47 -6.45 -23.39
C PHE A 20 -0.97 -5.26 -24.20
N ALA A 21 -0.82 -4.05 -23.65
CA ALA A 21 -1.16 -2.85 -24.40
C ALA A 21 -0.10 -2.70 -25.48
N ALA A 22 1.16 -2.99 -25.16
CA ALA A 22 2.25 -2.98 -26.17
C ALA A 22 2.08 -4.09 -27.22
N PHE A 23 1.70 -5.30 -26.80
CA PHE A 23 1.32 -6.41 -27.73
C PHE A 23 0.23 -6.06 -28.79
N THR A 24 -0.93 -5.59 -28.30
CA THR A 24 -2.11 -5.23 -29.10
C THR A 24 -1.78 -4.11 -30.11
N ARG A 25 -0.86 -3.23 -29.77
CA ARG A 25 -0.39 -2.19 -30.70
C ARG A 25 0.32 -2.82 -31.93
N SER A 26 1.10 -3.87 -31.72
CA SER A 26 1.68 -4.58 -32.87
C SER A 26 0.87 -5.80 -33.37
N HIS A 27 -0.15 -6.22 -32.62
CA HIS A 27 -1.07 -7.29 -33.01
C HIS A 27 -2.55 -6.88 -32.71
N PRO A 28 -3.12 -5.91 -33.47
CA PRO A 28 -4.45 -5.36 -33.13
C PRO A 28 -5.65 -6.29 -33.43
N ASP A 29 -5.40 -7.48 -33.99
CA ASP A 29 -6.47 -8.48 -34.13
C ASP A 29 -6.87 -9.09 -32.75
N ILE A 30 -6.02 -8.90 -31.72
CA ILE A 30 -6.17 -9.53 -30.39
C ILE A 30 -6.10 -8.50 -29.25
N GLU A 31 -7.14 -8.47 -28.40
CA GLU A 31 -7.15 -7.77 -27.12
C GLU A 31 -6.95 -8.79 -25.97
N VAL A 32 -6.05 -8.51 -25.05
CA VAL A 32 -5.84 -9.40 -23.91
C VAL A 32 -6.44 -8.83 -22.61
N ARG A 33 -7.19 -9.66 -21.88
CA ARG A 33 -7.73 -9.24 -20.59
C ARG A 33 -7.18 -10.11 -19.47
N THR A 34 -6.74 -9.47 -18.39
CA THR A 34 -6.30 -10.10 -17.15
C THR A 34 -7.45 -10.35 -16.17
N ASN A 35 -7.30 -11.43 -15.41
CA ASN A 35 -8.32 -11.87 -14.49
C ASN A 35 -7.62 -12.36 -13.24
N LEU A 36 -7.64 -11.47 -12.24
CA LEU A 36 -7.23 -11.72 -10.87
C LEU A 36 -8.18 -12.63 -10.07
N VAL A 37 -7.57 -13.65 -9.43
CA VAL A 37 -8.22 -14.54 -8.43
C VAL A 37 -7.23 -14.57 -7.27
N ALA A 38 -7.67 -14.40 -6.02
CA ALA A 38 -6.72 -14.40 -4.89
C ALA A 38 -5.94 -15.71 -4.81
N TYR A 39 -4.67 -15.62 -4.43
CA TYR A 39 -3.80 -16.79 -4.24
C TYR A 39 -4.47 -17.89 -3.42
N SER A 40 -5.11 -17.50 -2.31
CA SER A 40 -5.57 -18.46 -1.33
C SER A 40 -6.55 -19.50 -1.91
N THR A 41 -7.39 -19.09 -2.85
CA THR A 41 -8.31 -20.03 -3.51
C THR A 41 -8.10 -20.20 -5.05
N TYR A 42 -6.94 -19.77 -5.57
CA TYR A 42 -6.61 -19.84 -7.02
C TYR A 42 -6.76 -21.27 -7.64
N PHE A 43 -6.12 -22.25 -6.99
CA PHE A 43 -6.05 -23.63 -7.44
C PHE A 43 -7.37 -24.36 -7.33
N GLU A 44 -8.05 -24.29 -6.17
CA GLU A 44 -9.43 -24.82 -6.06
C GLU A 44 -10.43 -24.26 -7.10
N THR A 45 -10.25 -23.00 -7.48
CA THR A 45 -11.11 -22.38 -8.48
C THR A 45 -10.73 -22.76 -9.91
N LEU A 46 -9.43 -22.71 -10.22
CA LEU A 46 -8.91 -23.16 -11.52
C LEU A 46 -9.30 -24.61 -11.80
N ARG A 47 -9.18 -25.47 -10.78
CA ARG A 47 -9.58 -26.88 -10.86
C ARG A 47 -11.03 -27.04 -11.37
N THR A 48 -11.97 -26.25 -10.80
CA THR A 48 -13.41 -26.26 -11.17
C THR A 48 -13.65 -25.71 -12.57
N ASP A 49 -12.99 -24.58 -12.83
CA ASP A 49 -13.13 -23.95 -14.13
C ASP A 49 -12.61 -24.85 -15.25
N VAL A 50 -11.36 -25.31 -15.16
CA VAL A 50 -10.79 -26.24 -16.16
C VAL A 50 -11.67 -27.48 -16.37
N ALA A 51 -12.05 -28.11 -15.26
CA ALA A 51 -12.85 -29.35 -15.27
C ALA A 51 -14.18 -29.25 -16.05
N GLY A 52 -14.80 -28.06 -16.03
CA GLY A 52 -16.03 -27.80 -16.76
C GLY A 52 -15.97 -26.71 -17.81
N GLY A 53 -14.84 -26.59 -18.52
CA GLY A 53 -14.74 -25.79 -19.75
C GLY A 53 -14.90 -24.27 -19.70
N SER A 54 -14.77 -23.66 -18.53
CA SER A 54 -14.91 -22.22 -18.43
C SER A 54 -13.67 -21.56 -17.80
N ALA A 55 -12.50 -22.19 -17.93
CA ALA A 55 -11.26 -21.56 -17.49
C ALA A 55 -10.83 -20.58 -18.55
N ASP A 56 -10.00 -19.63 -18.15
CA ASP A 56 -9.42 -18.66 -19.06
C ASP A 56 -8.48 -19.30 -20.12
N ASP A 57 -8.25 -18.56 -21.21
CA ASP A 57 -7.37 -19.00 -22.30
C ASP A 57 -5.94 -19.27 -21.85
N ILE A 58 -5.41 -18.36 -21.05
CA ILE A 58 -4.09 -18.47 -20.49
C ILE A 58 -4.23 -18.40 -18.97
N PHE A 59 -3.54 -19.32 -18.27
CA PHE A 59 -3.47 -19.28 -16.82
C PHE A 59 -2.13 -19.64 -16.21
N TRP A 60 -1.84 -19.00 -15.09
CA TRP A 60 -0.68 -19.26 -14.28
C TRP A 60 -0.77 -20.64 -13.64
N LEU A 61 0.34 -21.37 -13.66
CA LEU A 61 0.52 -22.61 -12.86
C LEU A 61 1.79 -22.53 -12.05
N SER A 62 1.83 -23.20 -10.90
CA SER A 62 3.09 -23.56 -10.23
C SER A 62 3.41 -25.05 -10.47
N ASN A 63 4.66 -25.43 -10.14
CA ASN A 63 5.21 -26.83 -10.16
C ASN A 63 4.36 -27.84 -9.38
N ALA A 64 3.77 -27.32 -8.30
CA ALA A 64 3.06 -28.10 -7.29
C ALA A 64 1.86 -28.82 -7.88
N TYR A 65 1.29 -28.23 -8.96
CA TYR A 65 -0.07 -28.53 -9.46
C TYR A 65 -0.23 -28.80 -10.97
N PHE A 66 0.75 -28.38 -11.75
CA PHE A 66 0.58 -28.44 -13.19
C PHE A 66 0.38 -29.90 -13.68
N ALA A 67 0.96 -30.88 -12.96
CA ALA A 67 1.00 -32.33 -13.35
C ALA A 67 -0.35 -32.97 -13.72
N ALA A 68 -1.30 -32.90 -12.78
CA ALA A 68 -2.70 -33.25 -13.02
C ALA A 68 -3.32 -32.62 -14.29
N TYR A 69 -2.99 -31.37 -14.58
CA TYR A 69 -3.47 -30.69 -15.82
C TYR A 69 -2.78 -31.19 -17.11
N ALA A 70 -1.45 -31.27 -17.06
CA ALA A 70 -0.63 -31.77 -18.17
C ALA A 70 -1.04 -33.20 -18.63
N ASP A 71 -1.28 -34.10 -17.68
CA ASP A 71 -1.60 -35.53 -17.99
C ASP A 71 -2.97 -35.72 -18.63
N SER A 72 -3.96 -34.95 -18.20
CA SER A 72 -5.32 -35.07 -18.68
C SER A 72 -5.58 -34.21 -19.93
N GLY A 73 -4.51 -33.81 -20.60
CA GLY A 73 -4.58 -33.01 -21.86
C GLY A 73 -5.20 -31.61 -21.80
N ARG A 74 -5.22 -30.95 -20.63
CA ARG A 74 -5.83 -29.61 -20.47
C ARG A 74 -4.99 -28.48 -21.04
N LEU A 75 -3.67 -28.73 -21.14
CA LEU A 75 -2.60 -27.76 -21.39
C LEU A 75 -2.04 -27.90 -22.81
N MET A 76 -1.78 -26.78 -23.49
CA MET A 76 -1.08 -26.81 -24.79
C MET A 76 0.37 -27.27 -24.62
N LYS A 77 0.92 -28.02 -25.56
CA LYS A 77 2.36 -28.27 -25.61
C LYS A 77 3.01 -26.92 -25.97
N ILE A 78 4.04 -26.54 -25.21
CA ILE A 78 4.86 -25.38 -25.56
C ILE A 78 5.96 -25.79 -26.54
N GLN A 79 5.70 -25.50 -27.80
CA GLN A 79 6.48 -26.03 -28.91
C GLN A 79 7.30 -24.90 -29.44
N THR A 80 8.23 -24.41 -28.63
CA THR A 80 9.14 -23.36 -29.09
C THR A 80 10.57 -23.67 -28.67
N ASP A 81 11.43 -22.72 -29.03
CA ASP A 81 12.80 -22.58 -28.56
C ASP A 81 12.81 -22.24 -27.04
N ALA A 82 13.66 -22.91 -26.27
CA ALA A 82 13.72 -22.67 -24.82
C ALA A 82 15.06 -22.11 -24.30
N ALA A 83 15.98 -21.76 -25.21
CA ALA A 83 17.33 -21.30 -24.85
C ALA A 83 17.38 -19.94 -24.14
N ASP A 84 16.32 -19.14 -24.34
CA ASP A 84 16.16 -17.84 -23.69
C ASP A 84 15.26 -17.91 -22.42
N TRP A 85 14.99 -19.09 -21.86
CA TRP A 85 14.18 -19.16 -20.62
C TRP A 85 14.95 -19.79 -19.45
N GLU A 86 14.67 -19.39 -18.19
CA GLU A 86 15.42 -19.94 -17.04
C GLU A 86 15.36 -21.45 -17.05
N PRO A 87 16.54 -22.12 -17.10
CA PRO A 87 16.50 -23.61 -17.12
C PRO A 87 15.73 -24.15 -15.92
N ALA A 88 15.90 -23.54 -14.75
CA ALA A 88 15.19 -24.00 -13.53
C ALA A 88 13.66 -24.08 -13.68
N VAL A 89 13.09 -23.03 -14.30
CA VAL A 89 11.63 -22.93 -14.49
C VAL A 89 11.24 -23.90 -15.63
N VAL A 90 12.06 -23.97 -16.70
CA VAL A 90 11.84 -24.96 -17.80
C VAL A 90 11.69 -26.41 -17.25
N ASP A 91 12.66 -26.86 -16.43
CA ASP A 91 12.62 -28.19 -15.77
C ASP A 91 11.35 -28.36 -14.90
N GLN A 92 11.04 -27.30 -14.14
CA GLN A 92 9.87 -27.25 -13.27
C GLN A 92 8.53 -27.58 -14.03
N PHE A 93 8.48 -27.31 -15.33
CA PHE A 93 7.27 -27.41 -16.10
C PHE A 93 7.26 -28.45 -17.21
N THR A 94 8.38 -29.17 -17.28
CA THR A 94 8.56 -30.29 -18.20
C THR A 94 8.08 -31.57 -17.57
N ARG A 95 7.29 -32.31 -18.34
CA ARG A 95 6.70 -33.59 -17.96
C ARG A 95 6.50 -34.43 -19.24
N SER A 96 6.80 -35.75 -19.13
CA SER A 96 6.79 -36.70 -20.29
C SER A 96 7.53 -36.15 -21.50
N GLY A 97 8.56 -35.35 -21.28
CA GLY A 97 9.38 -34.86 -22.41
C GLY A 97 8.78 -33.65 -23.07
N VAL A 98 7.66 -33.14 -22.52
CA VAL A 98 7.07 -31.88 -22.99
C VAL A 98 7.14 -30.69 -21.98
N LEU A 99 7.44 -29.50 -22.49
CA LEU A 99 7.23 -28.26 -21.74
C LEU A 99 5.74 -27.86 -21.75
N TRP A 100 5.15 -27.66 -20.56
CA TRP A 100 3.69 -27.45 -20.48
C TRP A 100 3.22 -26.02 -20.16
N GLY A 101 4.16 -25.08 -20.10
CA GLY A 101 3.89 -23.69 -19.74
C GLY A 101 4.98 -22.80 -20.27
N VAL A 102 4.63 -21.56 -20.57
CA VAL A 102 5.65 -20.55 -20.86
C VAL A 102 6.21 -19.98 -19.52
N PRO A 103 7.52 -20.20 -19.23
CA PRO A 103 8.10 -19.66 -18.00
C PRO A 103 7.84 -18.17 -17.99
N GLN A 104 7.41 -17.66 -16.82
CA GLN A 104 7.06 -16.23 -16.64
C GLN A 104 7.90 -15.52 -15.59
N LEU A 105 8.02 -16.13 -14.43
CA LEU A 105 8.68 -15.56 -13.29
C LEU A 105 9.45 -16.64 -12.56
N THR A 106 10.53 -16.22 -11.92
CA THR A 106 11.27 -17.12 -11.08
C THR A 106 11.56 -16.49 -9.74
N ASP A 107 11.69 -17.32 -8.71
CA ASP A 107 12.19 -16.88 -7.39
C ASP A 107 13.70 -16.58 -7.45
N ALA A 108 14.41 -17.22 -8.38
CA ALA A 108 15.84 -17.29 -8.37
C ALA A 108 16.31 -18.12 -7.18
N GLY A 109 17.57 -18.00 -6.79
CA GLY A 109 18.13 -18.88 -5.77
C GLY A 109 18.33 -18.13 -4.47
N ILE A 110 18.78 -18.88 -3.47
CA ILE A 110 18.99 -18.33 -2.16
C ILE A 110 20.42 -17.75 -2.18
N ALA A 111 20.65 -16.66 -1.45
CA ALA A 111 22.02 -16.11 -1.31
C ALA A 111 22.26 -15.60 0.12
N VAL A 112 23.42 -14.97 0.34
CA VAL A 112 23.84 -14.55 1.67
C VAL A 112 24.03 -13.02 1.72
N PHE A 113 23.05 -12.32 2.29
CA PHE A 113 23.18 -10.89 2.57
C PHE A 113 24.28 -10.77 3.62
N TYR A 114 25.21 -9.84 3.46
CA TYR A 114 26.19 -9.61 4.52
C TYR A 114 26.28 -8.14 4.86
N ASN A 115 26.55 -7.87 6.13
CA ASN A 115 26.82 -6.52 6.66
C ASN A 115 28.32 -6.29 6.62
N ALA A 116 28.76 -5.53 5.61
CA ALA A 116 30.18 -5.26 5.29
C ALA A 116 30.95 -4.55 6.38
N ASP A 117 30.25 -3.70 7.12
CA ASP A 117 30.83 -3.07 8.30
C ASP A 117 31.18 -4.14 9.33
N LEU A 118 30.30 -5.12 9.51
CA LEU A 118 30.55 -6.16 10.50
C LEU A 118 31.63 -7.11 9.98
N LEU A 119 31.70 -7.31 8.66
CA LEU A 119 32.81 -8.08 8.11
C LEU A 119 34.16 -7.35 8.34
N ALA A 120 34.19 -6.04 8.08
CA ALA A 120 35.41 -5.23 8.21
C ALA A 120 35.94 -5.27 9.63
N ALA A 121 35.01 -5.20 10.60
CA ALA A 121 35.38 -5.18 12.01
C ALA A 121 35.99 -6.48 12.50
N ALA A 122 35.65 -7.60 11.82
CA ALA A 122 36.14 -8.95 12.11
C ALA A 122 37.33 -9.36 11.23
N GLY A 123 37.73 -8.47 10.32
CA GLY A 123 38.88 -8.71 9.42
C GLY A 123 38.57 -9.60 8.23
N VAL A 124 37.29 -9.63 7.80
CA VAL A 124 36.81 -10.52 6.72
C VAL A 124 36.48 -9.67 5.51
N ASP A 125 37.06 -10.04 4.38
CA ASP A 125 36.75 -9.44 3.10
C ASP A 125 35.53 -10.14 2.48
N PRO A 126 34.58 -9.39 1.89
CA PRO A 126 33.39 -9.97 1.25
C PRO A 126 33.63 -11.12 0.28
N THR A 127 34.79 -11.15 -0.38
CA THR A 127 35.07 -12.25 -1.31
C THR A 127 35.22 -13.59 -0.57
N GLN A 128 35.78 -13.57 0.65
CA GLN A 128 35.91 -14.79 1.49
C GLN A 128 34.57 -15.52 1.68
N VAL A 129 33.49 -14.75 1.75
CA VAL A 129 32.17 -15.26 2.04
C VAL A 129 31.64 -16.03 0.84
N ASP A 130 32.09 -15.68 -0.38
CA ASP A 130 31.77 -16.43 -1.59
C ASP A 130 32.42 -17.80 -1.71
N ASN A 131 33.41 -18.13 -0.89
CA ASN A 131 34.04 -19.46 -1.06
C ASN A 131 33.88 -20.35 0.17
N LEU A 132 32.75 -20.25 0.87
CA LEU A 132 32.53 -21.04 2.10
C LEU A 132 31.90 -22.39 1.81
N ARG A 133 32.26 -23.36 2.65
CA ARG A 133 31.76 -24.74 2.51
C ARG A 133 31.26 -25.27 3.88
N TRP A 134 30.05 -25.79 3.91
CA TRP A 134 29.56 -26.44 5.12
C TRP A 134 29.69 -27.96 4.97
N SER A 135 29.90 -28.64 6.08
CA SER A 135 30.16 -30.08 6.08
C SER A 135 30.14 -30.56 7.52
N ARG A 136 29.70 -31.80 7.68
CA ARG A 136 29.91 -32.50 8.93
C ARG A 136 31.31 -32.98 9.19
N GLY A 137 32.12 -33.06 8.15
CA GLY A 137 33.55 -33.42 8.33
C GLY A 137 34.41 -32.20 8.62
N ASP A 138 35.73 -32.40 8.73
CA ASP A 138 36.75 -31.34 8.99
C ASP A 138 37.20 -30.57 7.75
N ASP A 139 36.47 -30.75 6.65
CA ASP A 139 36.61 -29.88 5.49
C ASP A 139 35.68 -28.66 5.58
N ASP A 140 34.86 -28.60 6.63
CA ASP A 140 34.02 -27.45 6.92
C ASP A 140 34.81 -26.12 7.07
N THR A 141 34.29 -25.05 6.45
CA THR A 141 34.84 -23.72 6.63
C THR A 141 33.77 -22.74 7.11
N LEU A 142 32.49 -23.09 6.98
CA LEU A 142 31.44 -22.20 7.44
C LEU A 142 31.56 -21.86 8.95
N ARG A 143 31.68 -22.90 9.78
CA ARG A 143 31.52 -22.76 11.25
C ARG A 143 32.54 -21.81 11.82
N PRO A 144 33.85 -22.01 11.49
CA PRO A 144 34.85 -21.03 12.02
C PRO A 144 34.59 -19.62 11.50
N MET A 145 34.12 -19.48 10.27
CA MET A 145 33.77 -18.16 9.82
C MET A 145 32.60 -17.64 10.68
N LEU A 146 31.56 -18.44 10.93
CA LEU A 146 30.45 -17.92 11.77
C LEU A 146 30.88 -17.59 13.21
N ALA A 147 31.80 -18.41 13.75
CA ALA A 147 32.31 -18.21 15.07
C ALA A 147 33.00 -16.84 15.18
N ARG A 148 33.91 -16.51 14.25
CA ARG A 148 34.56 -15.19 14.20
C ARG A 148 33.54 -14.05 14.16
N LEU A 149 32.34 -14.34 13.66
CA LEU A 149 31.37 -13.30 13.34
C LEU A 149 30.28 -13.18 14.42
N THR A 150 30.43 -13.94 15.50
CA THR A 150 29.45 -13.98 16.56
C THR A 150 30.07 -13.44 17.81
N VAL A 151 29.50 -12.38 18.38
CA VAL A 151 30.16 -11.62 19.45
C VAL A 151 29.24 -11.41 20.65
N ASP A 152 29.72 -11.71 21.85
CA ASP A 152 28.98 -11.44 23.07
C ASP A 152 29.25 -10.03 23.63
N ALA A 153 28.51 -9.65 24.66
CA ALA A 153 28.53 -8.25 25.15
C ALA A 153 29.92 -7.77 25.67
N ASP A 154 30.82 -8.73 25.99
CA ASP A 154 32.21 -8.43 26.33
C ASP A 154 33.19 -8.38 25.14
N GLY A 155 32.74 -8.72 23.94
CA GLY A 155 33.63 -8.72 22.78
C GLY A 155 34.28 -10.07 22.52
N ARG A 156 33.93 -11.07 23.32
CA ARG A 156 34.40 -12.43 23.16
C ARG A 156 33.61 -13.07 22.00
N THR A 157 34.36 -13.62 21.04
CA THR A 157 33.78 -14.32 19.92
C THR A 157 33.39 -15.77 20.29
N ALA A 158 32.61 -16.42 19.41
CA ALA A 158 31.99 -17.71 19.74
C ALA A 158 33.00 -18.86 20.00
N ASN A 159 34.21 -18.73 19.47
CA ASN A 159 35.22 -19.77 19.63
C ASN A 159 36.18 -19.50 20.80
N THR A 160 36.02 -18.38 21.48
CA THR A 160 36.88 -17.93 22.56
C THR A 160 36.36 -18.52 23.84
N PRO A 161 37.27 -19.04 24.72
CA PRO A 161 36.95 -19.34 26.11
C PRO A 161 36.35 -18.14 26.84
N GLY A 162 35.31 -18.40 27.60
CA GLY A 162 34.63 -17.37 28.37
C GLY A 162 33.36 -16.93 27.69
N PHE A 163 33.26 -17.13 26.36
CA PHE A 163 32.16 -16.65 25.52
C PHE A 163 30.88 -16.98 26.23
N ASP A 164 29.96 -16.03 26.22
CA ASP A 164 28.74 -16.22 26.95
C ASP A 164 27.55 -16.14 26.02
N ALA A 165 26.99 -17.31 25.67
CA ALA A 165 25.84 -17.40 24.71
C ALA A 165 24.57 -16.67 25.18
N ARG A 166 24.41 -16.47 26.50
CA ARG A 166 23.30 -15.66 27.03
C ARG A 166 23.42 -14.19 26.68
N ARG A 167 24.62 -13.76 26.33
CA ARG A 167 24.88 -12.34 26.22
C ARG A 167 25.33 -11.94 24.83
N VAL A 168 24.86 -12.70 23.83
CA VAL A 168 25.25 -12.47 22.47
C VAL A 168 24.70 -11.11 22.00
N ARG A 169 25.54 -10.29 21.36
CA ARG A 169 25.10 -9.01 20.85
C ARG A 169 25.00 -8.97 19.34
N GLN A 170 25.64 -9.94 18.71
CA GLN A 170 25.85 -10.01 17.29
C GLN A 170 25.90 -11.51 16.93
N TRP A 171 24.96 -11.95 16.09
CA TRP A 171 24.94 -13.33 15.59
C TRP A 171 25.67 -13.36 14.25
N GLY A 172 26.38 -14.45 13.98
CA GLY A 172 27.04 -14.63 12.67
C GLY A 172 26.09 -14.97 11.55
N TYR A 173 24.96 -15.63 11.87
CA TYR A 173 24.15 -16.30 10.88
C TYR A 173 22.69 -16.48 11.33
N ASN A 174 21.81 -16.93 10.44
CA ASN A 174 20.35 -17.07 10.71
C ASN A 174 19.84 -18.51 10.50
N ALA A 175 20.68 -19.50 10.77
CA ALA A 175 20.26 -20.90 10.82
C ALA A 175 19.00 -20.99 11.73
N ALA A 176 17.95 -21.65 11.21
CA ALA A 176 16.64 -21.59 11.85
C ALA A 176 15.66 -22.56 11.19
N ASN A 177 14.58 -22.91 11.92
CA ASN A 177 13.46 -23.69 11.35
C ASN A 177 12.77 -22.81 10.28
N ASP A 178 13.39 -22.67 9.12
CA ASP A 178 12.97 -21.72 8.09
C ASP A 178 13.30 -22.42 6.78
N PRO A 179 12.28 -23.04 6.14
CA PRO A 179 12.49 -23.92 4.99
C PRO A 179 13.22 -23.25 3.83
N GLN A 180 12.71 -22.09 3.41
CA GLN A 180 13.06 -21.51 2.10
C GLN A 180 14.43 -20.88 2.18
N ALA A 181 14.69 -20.15 3.26
CA ALA A 181 15.96 -19.49 3.47
C ALA A 181 17.07 -20.46 3.92
N ILE A 182 16.73 -21.45 4.73
CA ILE A 182 17.75 -22.29 5.33
C ILE A 182 17.66 -23.77 4.92
N TYR A 183 16.87 -24.57 5.63
CA TYR A 183 17.03 -26.03 5.59
C TYR A 183 16.78 -26.73 4.26
N LEU A 184 15.87 -26.23 3.43
CA LEU A 184 15.71 -26.82 2.12
C LEU A 184 17.02 -26.74 1.34
N ASN A 185 17.79 -25.67 1.51
CA ASN A 185 19.10 -25.61 0.81
C ASN A 185 20.09 -26.58 1.43
N TYR A 186 20.05 -26.76 2.75
CA TYR A 186 20.92 -27.71 3.38
C TYR A 186 20.64 -29.15 2.91
N ILE A 187 19.36 -29.55 2.91
CA ILE A 187 18.94 -30.87 2.43
C ILE A 187 19.46 -31.09 0.99
N GLY A 188 19.07 -30.25 0.03
CA GLY A 188 19.61 -30.34 -1.35
C GLY A 188 21.14 -30.29 -1.48
N SER A 189 21.77 -29.45 -0.67
CA SER A 189 23.21 -29.36 -0.65
C SER A 189 23.86 -30.60 -0.01
N ALA A 190 23.05 -31.46 0.62
CA ALA A 190 23.52 -32.74 1.12
C ALA A 190 23.13 -33.92 0.20
N GLY A 191 22.42 -33.66 -0.90
CA GLY A 191 21.89 -34.73 -1.77
C GLY A 191 20.59 -35.42 -1.35
N GLY A 192 19.99 -34.96 -0.24
CA GLY A 192 18.72 -35.48 0.26
C GLY A 192 17.53 -34.87 -0.47
N VAL A 193 16.34 -35.37 -0.19
CA VAL A 193 15.10 -34.80 -0.75
C VAL A 193 14.24 -34.37 0.44
N PHE A 194 13.31 -33.45 0.20
CA PHE A 194 12.29 -33.08 1.15
C PHE A 194 10.94 -33.72 0.78
N GLN A 195 10.65 -33.78 -0.51
CA GLN A 195 9.33 -34.25 -1.00
C GLN A 195 9.60 -35.09 -2.25
N ARG A 196 8.79 -36.14 -2.43
CA ARG A 196 8.83 -37.00 -3.59
C ARG A 196 7.41 -37.53 -3.86
N ASP A 197 6.97 -37.48 -5.13
CA ASP A 197 5.67 -38.03 -5.53
C ASP A 197 4.48 -37.57 -4.65
N GLY A 198 4.43 -36.27 -4.36
CA GLY A 198 3.37 -35.64 -3.58
C GLY A 198 3.38 -36.06 -2.12
N LYS A 199 4.48 -36.69 -1.65
CA LYS A 199 4.56 -37.19 -0.27
C LYS A 199 5.82 -36.65 0.41
N PHE A 200 5.77 -36.39 1.72
CA PHE A 200 6.95 -35.95 2.45
C PHE A 200 7.96 -37.08 2.56
N ALA A 201 9.23 -36.78 2.29
CA ALA A 201 10.24 -37.82 2.16
C ALA A 201 11.58 -37.44 2.79
N PHE A 202 11.55 -36.55 3.78
CA PHE A 202 12.73 -35.97 4.41
C PHE A 202 13.43 -36.86 5.42
N ASP A 203 12.86 -38.03 5.73
CA ASP A 203 13.54 -38.95 6.57
C ASP A 203 14.50 -39.74 5.68
N ASN A 204 15.73 -39.25 5.51
CA ASN A 204 16.72 -39.86 4.63
C ASN A 204 18.12 -39.40 5.06
N PRO A 205 19.22 -40.13 4.69
CA PRO A 205 20.55 -39.71 5.15
C PRO A 205 20.96 -38.26 4.92
N GLY A 206 20.68 -37.71 3.73
CA GLY A 206 21.05 -36.33 3.41
C GLY A 206 20.45 -35.27 4.34
N ALA A 207 19.13 -35.37 4.52
CA ALA A 207 18.37 -34.50 5.40
C ALA A 207 18.85 -34.65 6.86
N ILE A 208 19.06 -35.91 7.32
CA ILE A 208 19.73 -36.15 8.64
C ILE A 208 21.03 -35.32 8.83
N GLU A 209 21.93 -35.40 7.82
CA GLU A 209 23.18 -34.62 7.77
C GLU A 209 22.90 -33.12 7.89
N ALA A 210 21.97 -32.63 7.09
CA ALA A 210 21.62 -31.20 7.06
C ALA A 210 21.10 -30.72 8.41
N PHE A 211 20.20 -31.50 9.01
CA PHE A 211 19.54 -31.07 10.28
C PHE A 211 20.49 -31.13 11.51
N ARG A 212 21.29 -32.21 11.61
CA ARG A 212 22.39 -32.30 12.59
C ARG A 212 23.29 -31.07 12.52
N TYR A 213 23.74 -30.70 11.31
CA TYR A 213 24.57 -29.51 11.13
C TYR A 213 23.89 -28.23 11.73
N LEU A 214 22.64 -27.98 11.33
CA LEU A 214 21.84 -26.80 11.73
C LEU A 214 21.55 -26.79 13.22
N VAL A 215 21.15 -27.96 13.75
CA VAL A 215 20.94 -28.17 15.18
C VAL A 215 22.18 -27.78 15.98
N GLY A 216 23.34 -28.16 15.43
CA GLY A 216 24.61 -27.90 16.05
C GLY A 216 24.97 -26.42 16.00
N LEU A 217 24.73 -25.76 14.85
CA LEU A 217 25.05 -24.35 14.70
C LEU A 217 24.31 -23.54 15.72
N ILE A 218 23.04 -23.88 15.94
CA ILE A 218 22.17 -23.16 16.87
C ILE A 218 22.38 -23.47 18.37
N ASN A 219 22.39 -24.75 18.72
CA ASN A 219 22.45 -25.16 20.13
C ASN A 219 23.85 -25.42 20.70
N ASP A 220 24.84 -25.63 19.87
CA ASP A 220 26.14 -26.01 20.38
C ASP A 220 27.20 -24.93 20.16
N ASP A 221 27.24 -24.40 18.93
CA ASP A 221 28.11 -23.29 18.54
C ASP A 221 27.52 -21.97 19.01
N HIS A 222 26.19 -21.84 19.01
CA HIS A 222 25.49 -20.55 19.32
C HIS A 222 25.83 -19.41 18.31
N VAL A 223 25.97 -19.76 17.04
CA VAL A 223 26.37 -18.80 15.99
C VAL A 223 25.15 -18.23 15.27
N ALA A 224 23.98 -18.79 15.59
CA ALA A 224 22.68 -18.32 15.08
C ALA A 224 21.74 -18.14 16.28
N PRO A 225 20.62 -17.42 16.11
CA PRO A 225 19.83 -17.14 17.30
C PRO A 225 19.15 -18.39 17.88
N PRO A 226 18.85 -18.42 19.18
CA PRO A 226 18.17 -19.62 19.73
C PRO A 226 16.91 -19.93 18.93
N ALA A 227 16.55 -21.21 18.81
CA ALA A 227 15.34 -21.60 18.08
C ALA A 227 14.05 -21.04 18.68
N SER A 228 14.01 -20.81 19.99
CA SER A 228 12.83 -20.13 20.57
C SER A 228 12.65 -18.73 19.99
N ASP A 229 13.72 -18.11 19.51
CA ASP A 229 13.57 -16.80 18.87
C ASP A 229 12.97 -16.85 17.47
N THR A 230 13.23 -17.95 16.76
CA THR A 230 12.95 -18.06 15.36
C THR A 230 11.88 -19.10 14.96
N ASN A 231 11.68 -20.16 15.78
CA ASN A 231 10.52 -21.07 15.61
C ASN A 231 9.22 -20.24 15.60
N ASP A 232 8.46 -20.24 14.53
CA ASP A 232 7.26 -19.34 14.57
C ASP A 232 7.48 -17.78 14.82
N ASN A 233 8.66 -17.26 14.52
CA ASN A 233 8.85 -15.84 14.21
C ASN A 233 9.75 -15.75 12.94
N GLY A 234 9.11 -15.83 11.77
CA GLY A 234 9.80 -15.82 10.46
C GLY A 234 10.63 -14.58 10.15
N ASP A 235 10.35 -13.49 10.87
CA ASP A 235 10.97 -12.19 10.63
C ASP A 235 12.11 -11.86 11.58
N PHE A 236 12.20 -12.59 12.70
CA PHE A 236 13.22 -12.32 13.76
C PHE A 236 14.60 -12.02 13.18
N SER A 237 15.17 -12.97 12.42
CA SER A 237 16.53 -12.83 11.89
C SER A 237 16.73 -11.62 10.96
N ARG A 238 15.77 -11.40 10.07
CA ARG A 238 15.83 -10.22 9.24
C ARG A 238 15.83 -8.93 10.08
N ASN A 239 14.97 -8.86 11.08
CA ASN A 239 15.01 -7.68 11.95
C ASN A 239 16.37 -7.52 12.66
N GLN A 240 17.01 -8.63 13.04
CA GLN A 240 18.32 -8.53 13.68
C GLN A 240 19.37 -8.07 12.68
N PHE A 241 19.24 -8.52 11.43
CA PHE A 241 20.12 -8.06 10.38
C PHE A 241 19.94 -6.57 10.23
N LEU A 242 18.69 -6.09 10.20
CA LEU A 242 18.45 -4.64 9.99
C LEU A 242 18.94 -3.78 11.13
N ALA A 243 18.92 -4.32 12.34
CA ALA A 243 19.37 -3.58 13.49
C ALA A 243 20.91 -3.57 13.61
N GLY A 244 21.64 -4.08 12.61
CA GLY A 244 23.10 -4.20 12.70
C GLY A 244 23.58 -5.30 13.62
N LYS A 245 22.77 -6.33 13.81
CA LYS A 245 23.07 -7.38 14.77
C LYS A 245 23.39 -8.76 14.19
N MET A 246 23.51 -8.84 12.88
CA MET A 246 23.78 -10.15 12.27
C MET A 246 24.75 -9.95 11.11
N ALA A 247 25.81 -10.74 11.10
CA ALA A 247 26.88 -10.62 10.12
C ALA A 247 26.45 -11.06 8.71
N LEU A 248 25.94 -12.28 8.63
CA LEU A 248 25.43 -12.92 7.39
C LEU A 248 23.97 -13.24 7.61
N PHE A 249 23.14 -12.93 6.61
CA PHE A 249 21.72 -13.22 6.70
C PHE A 249 21.35 -13.96 5.41
N GLN A 250 21.11 -15.26 5.52
CA GLN A 250 20.90 -16.11 4.34
C GLN A 250 19.42 -16.07 3.94
N SER A 251 19.12 -15.65 2.71
CA SER A 251 17.72 -15.42 2.27
C SER A 251 17.57 -15.29 0.75
N GLY A 252 16.35 -15.17 0.25
CA GLY A 252 16.14 -14.95 -1.19
C GLY A 252 15.94 -13.49 -1.63
N THR A 253 15.59 -13.27 -2.88
CA THR A 253 15.31 -11.94 -3.44
C THR A 253 14.15 -11.26 -2.74
N TYR A 254 13.26 -12.03 -2.12
CA TYR A 254 12.16 -11.45 -1.31
C TYR A 254 12.59 -10.52 -0.14
N SER A 255 13.87 -10.56 0.24
CA SER A 255 14.39 -9.71 1.28
C SER A 255 15.13 -8.54 0.74
N LEU A 256 15.20 -8.40 -0.59
CA LEU A 256 15.92 -7.27 -1.21
C LEU A 256 15.23 -5.98 -0.87
N ALA A 257 13.96 -5.85 -1.23
CA ALA A 257 13.13 -4.69 -0.86
C ALA A 257 13.15 -4.36 0.66
N PRO A 258 12.76 -5.31 1.55
CA PRO A 258 12.90 -5.03 3.01
C PRO A 258 14.32 -4.64 3.47
N VAL A 259 15.39 -5.17 2.87
CA VAL A 259 16.79 -4.82 3.28
C VAL A 259 17.26 -3.46 2.79
N ALA A 260 16.99 -3.15 1.51
CA ALA A 260 17.41 -1.87 0.88
C ALA A 260 16.71 -0.67 1.50
N ARG A 261 15.41 -0.81 1.77
CA ARG A 261 14.62 0.21 2.43
C ARG A 261 15.18 0.69 3.78
N ASP A 262 15.56 -0.24 4.68
CA ASP A 262 15.90 0.07 6.08
C ASP A 262 17.34 -0.09 6.57
N ALA A 263 18.21 -0.69 5.77
CA ALA A 263 19.56 -0.99 6.20
C ALA A 263 20.42 0.23 6.13
N LEU A 264 20.89 0.71 7.28
CA LEU A 264 21.72 1.91 7.32
C LEU A 264 23.25 1.68 7.21
N PHE A 265 23.70 0.44 7.21
CA PHE A 265 25.13 0.09 7.11
C PHE A 265 25.48 -0.29 5.66
N HIS A 266 26.78 -0.40 5.34
CA HIS A 266 27.21 -0.89 4.01
C HIS A 266 26.89 -2.40 3.91
N TRP A 267 26.24 -2.82 2.81
CA TRP A 267 25.92 -4.26 2.64
C TRP A 267 26.08 -4.80 1.23
N GLY A 268 26.09 -6.13 1.11
CA GLY A 268 26.04 -6.82 -0.18
C GLY A 268 25.42 -8.19 -0.10
N VAL A 269 25.57 -8.92 -1.19
CA VAL A 269 25.07 -10.30 -1.35
C VAL A 269 26.25 -11.14 -1.86
N ALA A 270 26.49 -12.26 -1.16
CA ALA A 270 27.47 -13.28 -1.55
C ALA A 270 26.76 -14.59 -1.86
N MET A 271 27.51 -15.54 -2.39
CA MET A 271 27.02 -16.89 -2.72
C MET A 271 26.55 -17.74 -1.50
N LEU A 272 25.52 -18.55 -1.73
CA LEU A 272 25.13 -19.68 -0.88
C LEU A 272 26.34 -20.50 -0.55
N PRO A 273 26.51 -20.92 0.74
CA PRO A 273 27.68 -21.84 0.99
C PRO A 273 27.53 -23.17 0.23
N ALA A 274 28.64 -23.80 -0.13
CA ALA A 274 28.57 -25.15 -0.73
C ALA A 274 28.33 -26.23 0.34
N GLY A 275 27.56 -27.24 0.00
CA GLY A 275 27.44 -28.42 0.88
C GLY A 275 28.18 -29.62 0.31
N PRO A 276 28.00 -30.81 0.91
CA PRO A 276 28.64 -32.02 0.35
C PRO A 276 28.29 -32.35 -1.10
N ALA A 277 27.09 -32.01 -1.55
CA ALA A 277 26.82 -32.10 -2.99
C ALA A 277 26.85 -30.74 -3.75
N GLY A 278 27.59 -29.72 -3.27
CA GLY A 278 27.73 -28.43 -3.99
C GLY A 278 26.73 -27.41 -3.49
N ARG A 279 26.59 -26.27 -4.20
CA ARG A 279 25.70 -25.20 -3.75
C ARG A 279 24.40 -25.53 -4.40
N VAL A 280 23.45 -26.08 -3.64
CA VAL A 280 22.16 -26.48 -4.21
C VAL A 280 21.10 -25.63 -3.52
N SER A 281 20.52 -24.71 -4.28
CA SER A 281 19.49 -23.78 -3.78
C SER A 281 18.09 -24.31 -4.04
N VAL A 282 17.17 -24.02 -3.15
CA VAL A 282 15.78 -24.18 -3.47
C VAL A 282 15.44 -23.11 -4.53
N THR A 283 14.51 -23.45 -5.41
CA THR A 283 13.92 -22.48 -6.34
C THR A 283 12.52 -22.87 -6.69
N ASN A 284 11.85 -21.95 -7.36
CA ASN A 284 10.47 -22.09 -7.71
C ASN A 284 10.11 -21.05 -8.77
N GLY A 285 9.21 -21.41 -9.67
CA GLY A 285 8.88 -20.54 -10.76
C GLY A 285 7.43 -20.59 -11.14
N ILE A 286 7.05 -19.66 -12.02
CA ILE A 286 5.67 -19.59 -12.45
C ILE A 286 5.61 -19.61 -13.96
N ALA A 287 4.75 -20.45 -14.50
CA ALA A 287 4.59 -20.49 -15.94
C ALA A 287 3.15 -20.18 -16.32
N ALA A 288 2.99 -19.65 -17.53
CA ALA A 288 1.69 -19.39 -18.10
C ALA A 288 1.41 -20.51 -19.04
N ALA A 289 0.34 -21.25 -18.74
CA ALA A 289 -0.08 -22.36 -19.59
C ALA A 289 -1.18 -21.94 -20.59
N GLY A 290 -1.14 -22.49 -21.80
CA GLY A 290 -2.26 -22.39 -22.77
C GLY A 290 -3.34 -23.46 -22.57
N ASN A 291 -4.59 -23.00 -22.38
CA ASN A 291 -5.82 -23.84 -22.25
C ASN A 291 -6.04 -24.55 -23.59
N SER A 292 -5.99 -25.89 -23.55
CA SER A 292 -6.25 -26.70 -24.76
C SER A 292 -7.71 -26.65 -25.29
N ALA A 293 -8.66 -26.27 -24.43
CA ALA A 293 -10.08 -26.12 -24.81
C ALA A 293 -10.45 -24.66 -25.16
N SER A 294 -9.44 -23.80 -25.34
CA SER A 294 -9.66 -22.41 -25.70
C SER A 294 -10.44 -22.28 -27.00
N LYS A 295 -11.34 -21.29 -27.09
CA LYS A 295 -12.14 -21.09 -28.33
C LYS A 295 -11.30 -20.55 -29.51
N HIS A 296 -10.22 -19.81 -29.23
CA HIS A 296 -9.30 -19.24 -30.24
C HIS A 296 -7.83 -19.67 -29.99
N PRO A 297 -7.48 -20.93 -30.36
CA PRO A 297 -6.14 -21.46 -29.99
C PRO A 297 -4.97 -20.72 -30.67
N ASP A 298 -5.15 -20.28 -31.92
CA ASP A 298 -4.15 -19.45 -32.68
C ASP A 298 -3.77 -18.11 -31.99
N ALA A 299 -4.77 -17.33 -31.58
CA ALA A 299 -4.56 -16.09 -30.85
C ALA A 299 -3.85 -16.33 -29.51
N VAL A 300 -4.23 -17.40 -28.80
CA VAL A 300 -3.55 -17.84 -27.56
C VAL A 300 -2.06 -18.11 -27.85
N ARG A 301 -1.79 -18.73 -28.99
CA ARG A 301 -0.42 -19.04 -29.38
C ARG A 301 0.36 -17.75 -29.59
N GLN A 302 -0.25 -16.76 -30.27
CA GLN A 302 0.35 -15.42 -30.42
C GLN A 302 0.63 -14.72 -29.07
N VAL A 303 -0.32 -14.81 -28.14
CA VAL A 303 -0.17 -14.23 -26.80
C VAL A 303 0.91 -14.95 -25.92
N LEU A 304 0.91 -16.29 -25.93
CA LEU A 304 1.98 -17.03 -25.26
C LEU A 304 3.39 -16.69 -25.80
N ALA A 305 3.50 -16.57 -27.15
CA ALA A 305 4.79 -16.20 -27.82
C ALA A 305 5.31 -14.84 -27.29
N TRP A 306 4.41 -13.85 -27.24
CA TRP A 306 4.73 -12.54 -26.68
C TRP A 306 5.12 -12.55 -25.20
N MET A 307 4.29 -13.21 -24.39
CA MET A 307 4.58 -13.43 -22.98
C MET A 307 5.98 -14.04 -22.78
N GLY A 308 6.40 -14.91 -23.70
CA GLY A 308 7.75 -15.49 -23.67
C GLY A 308 8.88 -14.71 -24.35
N SER A 309 8.57 -13.60 -25.00
CA SER A 309 9.57 -12.73 -25.68
C SER A 309 10.31 -11.82 -24.69
N THR A 310 11.46 -11.31 -25.12
CA THR A 310 12.22 -10.30 -24.37
C THR A 310 11.36 -9.14 -24.03
N GLU A 311 10.65 -8.60 -25.03
CA GLU A 311 9.85 -7.37 -24.89
C GLU A 311 8.68 -7.56 -23.93
N GLY A 312 7.89 -8.61 -24.12
CA GLY A 312 6.73 -8.84 -23.27
C GLY A 312 7.06 -9.13 -21.82
N ASN A 313 8.11 -9.91 -21.59
CA ASN A 313 8.45 -10.35 -20.22
C ASN A 313 9.23 -9.31 -19.44
N SER A 314 9.92 -8.44 -20.15
CA SER A 314 10.57 -7.28 -19.55
C SER A 314 9.65 -6.51 -18.63
N TYR A 315 8.39 -6.31 -19.01
CA TYR A 315 7.44 -5.60 -18.18
C TYR A 315 7.29 -6.13 -16.76
N LEU A 316 7.47 -7.43 -16.53
CA LEU A 316 7.26 -7.97 -15.17
C LEU A 316 8.41 -7.62 -14.20
N GLY A 317 9.58 -7.33 -14.78
CA GLY A 317 10.77 -7.06 -14.02
C GLY A 317 11.11 -5.59 -13.85
N ARG A 318 10.52 -4.72 -14.70
CA ARG A 318 10.77 -3.28 -14.69
C ARG A 318 10.65 -2.62 -13.30
N HIS A 319 9.75 -3.09 -12.43
CA HIS A 319 9.65 -2.57 -11.04
C HIS A 319 10.60 -3.20 -9.97
N GLY A 320 11.43 -4.15 -10.37
CA GLY A 320 12.38 -4.81 -9.46
C GLY A 320 11.80 -5.59 -8.27
N ALA A 321 10.54 -6.02 -8.42
CA ALA A 321 9.84 -6.79 -7.41
C ALA A 321 9.60 -8.28 -7.81
N ALA A 322 9.52 -8.56 -9.11
CA ALA A 322 9.39 -9.91 -9.63
C ALA A 322 10.50 -10.12 -10.68
N ILE A 323 11.04 -11.35 -10.77
CA ILE A 323 12.13 -11.65 -11.67
C ILE A 323 11.63 -12.37 -12.91
N PRO A 324 11.84 -11.72 -14.11
CA PRO A 324 11.55 -12.35 -15.39
C PRO A 324 12.21 -13.73 -15.56
N ALA A 325 11.44 -14.68 -16.11
CA ALA A 325 11.96 -16.00 -16.47
C ALA A 325 12.61 -16.01 -17.86
N VAL A 326 12.34 -15.01 -18.70
CA VAL A 326 13.02 -14.87 -19.95
C VAL A 326 14.43 -14.29 -19.65
N LEU A 327 15.50 -14.99 -20.07
CA LEU A 327 16.87 -14.62 -19.64
C LEU A 327 17.29 -13.27 -20.18
N SER A 328 16.92 -13.00 -21.44
CA SER A 328 17.17 -11.71 -22.10
C SER A 328 16.38 -10.51 -21.49
N ALA A 329 15.36 -10.80 -20.66
CA ALA A 329 14.55 -9.76 -20.02
C ALA A 329 15.02 -9.41 -18.59
N GLN A 330 15.79 -10.33 -18.02
CA GLN A 330 16.31 -10.21 -16.68
C GLN A 330 17.25 -9.01 -16.46
N PRO A 331 17.91 -8.46 -17.54
CA PRO A 331 18.68 -7.26 -17.20
C PRO A 331 17.81 -6.09 -16.74
N VAL A 332 16.50 -6.13 -16.93
CA VAL A 332 15.72 -5.01 -16.40
C VAL A 332 15.73 -5.05 -14.88
N TYR A 333 15.84 -6.27 -14.36
CA TYR A 333 15.86 -6.54 -12.94
C TYR A 333 17.23 -6.21 -12.34
N PHE A 334 18.29 -6.75 -12.96
CA PHE A 334 19.66 -6.40 -12.56
C PHE A 334 19.92 -4.91 -12.51
N ASP A 335 19.53 -4.21 -13.60
CA ASP A 335 19.67 -2.76 -13.73
C ASP A 335 18.89 -2.02 -12.65
N TYR A 336 17.72 -2.54 -12.30
CA TYR A 336 16.89 -1.83 -11.33
C TYR A 336 17.70 -1.74 -10.05
N TRP A 337 18.31 -2.88 -9.72
CA TRP A 337 19.03 -3.04 -8.49
C TRP A 337 20.44 -2.47 -8.52
N SER A 338 21.19 -2.64 -9.62
CA SER A 338 22.54 -2.05 -9.70
C SER A 338 22.49 -0.53 -9.51
N ALA A 339 21.47 0.12 -10.09
CA ALA A 339 21.25 1.54 -9.89
C ALA A 339 20.96 1.92 -8.42
N ARG A 340 20.39 0.98 -7.66
CA ARG A 340 20.18 1.17 -6.23
C ARG A 340 21.43 0.67 -5.41
N GLY A 341 22.52 0.37 -6.11
CA GLY A 341 23.80 -0.02 -5.51
C GLY A 341 23.94 -1.48 -5.12
N VAL A 342 23.14 -2.37 -5.71
CA VAL A 342 23.09 -3.79 -5.30
C VAL A 342 23.32 -4.69 -6.48
N ASP A 343 24.34 -5.52 -6.36
CA ASP A 343 24.62 -6.56 -7.33
C ASP A 343 23.85 -7.85 -7.03
N VAL A 344 22.96 -8.25 -7.94
CA VAL A 344 22.07 -9.36 -7.62
C VAL A 344 22.54 -10.73 -8.13
N THR A 345 23.76 -10.79 -8.70
CA THR A 345 24.30 -11.95 -9.37
C THR A 345 24.28 -13.25 -8.54
N PRO A 346 24.70 -13.20 -7.27
CA PRO A 346 24.71 -14.47 -6.49
C PRO A 346 23.37 -15.23 -6.46
N PHE A 347 22.25 -14.51 -6.52
CA PHE A 347 20.90 -15.13 -6.51
C PHE A 347 20.69 -15.89 -7.81
N PHE A 348 21.41 -15.46 -8.86
CA PHE A 348 21.30 -16.01 -10.20
C PHE A 348 22.35 -17.06 -10.50
N ALA A 349 23.62 -16.71 -10.23
CA ALA A 349 24.73 -17.66 -10.45
C ALA A 349 24.47 -19.05 -9.80
N VAL A 350 23.83 -19.06 -8.62
CA VAL A 350 23.63 -20.30 -7.85
C VAL A 350 22.74 -21.32 -8.58
N LEU A 351 21.85 -20.82 -9.44
CA LEU A 351 21.00 -21.68 -10.25
C LEU A 351 21.78 -22.52 -11.25
N ASN A 352 23.02 -22.11 -11.53
CA ASN A 352 23.87 -22.74 -12.56
C ASN A 352 24.31 -24.19 -12.28
N GLY A 353 24.03 -24.72 -11.08
CA GLY A 353 24.23 -26.15 -10.81
C GLY A 353 22.93 -26.90 -10.51
N PRO A 354 23.01 -27.93 -9.60
CA PRO A 354 21.80 -28.68 -9.27
C PRO A 354 20.90 -27.85 -8.29
N ARG A 355 19.64 -28.27 -8.18
CA ARG A 355 18.57 -27.52 -7.48
C ARG A 355 17.65 -28.48 -6.80
N ILE A 356 16.92 -27.98 -5.81
CA ILE A 356 15.77 -28.66 -5.22
C ILE A 356 14.54 -27.77 -5.47
N ALA A 357 13.42 -28.38 -5.85
CA ALA A 357 12.14 -27.72 -6.04
C ALA A 357 11.56 -27.34 -4.71
N ALA A 358 10.94 -26.16 -4.64
CA ALA A 358 10.09 -25.74 -3.50
C ALA A 358 8.95 -26.74 -3.41
N PRO A 359 8.76 -27.33 -2.23
CA PRO A 359 7.73 -28.34 -2.01
C PRO A 359 6.33 -27.69 -2.09
N GLY A 360 5.32 -28.42 -2.56
CA GLY A 360 4.00 -27.85 -2.71
C GLY A 360 3.03 -28.97 -3.04
N GLY A 361 1.77 -28.58 -3.24
CA GLY A 361 0.79 -29.49 -3.83
C GLY A 361 -0.40 -29.70 -2.91
N ALA A 362 -1.34 -30.54 -3.35
CA ALA A 362 -2.50 -30.90 -2.56
C ALA A 362 -2.06 -31.58 -1.26
N GLY A 363 -2.60 -31.08 -0.15
CA GLY A 363 -2.36 -31.61 1.19
C GLY A 363 -1.02 -31.15 1.76
N PHE A 364 -0.31 -30.26 1.08
CA PHE A 364 1.03 -29.89 1.56
C PHE A 364 0.93 -28.97 2.78
N ALA A 365 0.15 -27.89 2.66
CA ALA A 365 -0.13 -26.95 3.76
C ALA A 365 -0.43 -27.70 5.03
N ALA A 366 -1.34 -28.67 4.94
CA ALA A 366 -1.78 -29.42 6.10
C ALA A 366 -0.61 -30.26 6.67
N GLY A 367 0.20 -30.83 5.76
CA GLY A 367 1.34 -31.65 6.14
C GLY A 367 2.43 -30.84 6.80
N GLN A 368 2.63 -29.63 6.29
CA GLN A 368 3.63 -28.69 6.77
C GLN A 368 3.26 -28.23 8.18
N GLN A 369 1.98 -27.96 8.44
CA GLN A 369 1.50 -27.65 9.77
C GLN A 369 1.73 -28.80 10.77
N ALA A 370 1.37 -30.00 10.39
CA ALA A 370 1.62 -31.20 11.20
C ALA A 370 3.11 -31.49 11.55
N LEU A 371 4.08 -31.16 10.70
CA LEU A 371 5.48 -31.49 11.03
C LEU A 371 6.07 -30.41 11.93
N GLU A 372 5.50 -29.23 11.84
CA GLU A 372 5.94 -28.04 12.56
C GLU A 372 6.29 -28.25 14.04
N PRO A 373 5.35 -28.79 14.84
CA PRO A 373 5.76 -29.00 16.23
C PRO A 373 6.98 -29.92 16.45
N TYR A 374 7.17 -30.92 15.57
CA TYR A 374 8.33 -31.80 15.69
C TYR A 374 9.58 -31.06 15.27
N PHE A 375 9.49 -30.25 14.21
CA PHE A 375 10.65 -29.48 13.79
C PHE A 375 11.07 -28.44 14.88
N ASP A 376 10.10 -27.77 15.48
CA ASP A 376 10.40 -26.89 16.58
C ASP A 376 11.23 -27.57 17.66
N GLU A 377 10.81 -28.75 18.10
CA GLU A 377 11.56 -29.45 19.13
C GLU A 377 12.98 -29.77 18.64
N MET A 378 13.08 -30.21 17.39
CA MET A 378 14.37 -30.58 16.80
C MET A 378 15.37 -29.43 16.74
N PHE A 379 14.95 -28.27 16.22
CA PHE A 379 15.73 -27.04 16.33
C PHE A 379 15.97 -26.54 17.76
N LEU A 380 15.09 -26.88 18.71
CA LEU A 380 15.41 -26.66 20.13
C LEU A 380 16.47 -27.64 20.68
N GLY A 381 16.96 -28.56 19.87
CA GLY A 381 18.05 -29.40 20.33
C GLY A 381 17.57 -30.53 21.22
N ARG A 382 16.26 -30.76 21.22
CA ARG A 382 15.69 -31.83 22.04
C ARG A 382 15.66 -33.15 21.26
N GLY A 383 15.80 -34.26 21.94
CA GLY A 383 15.73 -35.57 21.31
C GLY A 383 16.84 -35.83 20.31
N ASP A 384 16.51 -36.62 19.30
CA ASP A 384 17.49 -36.94 18.27
C ASP A 384 16.89 -36.66 16.91
N VAL A 385 17.69 -36.04 16.05
CA VAL A 385 17.28 -35.70 14.68
C VAL A 385 16.60 -36.92 14.00
N THR A 386 17.27 -38.09 14.10
CA THR A 386 16.79 -39.31 13.49
C THR A 386 15.37 -39.66 13.91
N THR A 387 15.14 -39.74 15.22
CA THR A 387 13.81 -40.10 15.75
C THR A 387 12.79 -39.03 15.42
N THR A 388 13.20 -37.76 15.50
CA THR A 388 12.31 -36.64 15.15
C THR A 388 11.87 -36.64 13.67
N LEU A 389 12.81 -36.79 12.75
CA LEU A 389 12.45 -36.86 11.34
C LEU A 389 11.47 -38.01 11.01
N ARG A 390 11.76 -39.20 11.56
CA ARG A 390 10.90 -40.38 11.34
C ARG A 390 9.45 -40.10 11.78
N GLN A 391 9.27 -39.58 13.01
CA GLN A 391 7.92 -39.22 13.51
C GLN A 391 7.28 -38.06 12.77
N ALA A 392 8.10 -37.05 12.40
CA ALA A 392 7.60 -35.88 11.70
C ALA A 392 7.11 -36.26 10.34
N GLN A 393 7.81 -37.17 9.64
CA GLN A 393 7.39 -37.64 8.30
C GLN A 393 6.05 -38.39 8.31
N ALA A 394 5.97 -39.39 9.20
CA ALA A 394 4.71 -40.11 9.42
C ALA A 394 3.55 -39.14 9.72
N ALA A 395 3.77 -38.11 10.54
CA ALA A 395 2.73 -37.12 10.91
C ALA A 395 2.29 -36.21 9.73
N ALA A 396 3.27 -35.71 8.98
CA ALA A 396 3.06 -34.86 7.80
C ALA A 396 2.22 -35.58 6.76
N ASN A 397 2.63 -36.80 6.45
CA ASN A 397 1.91 -37.64 5.51
C ASN A 397 0.52 -38.00 5.95
N ALA A 398 0.34 -38.45 7.20
CA ALA A 398 -1.01 -38.70 7.76
C ALA A 398 -1.95 -37.51 7.52
N ALA A 399 -1.47 -36.28 7.76
CA ALA A 399 -2.28 -35.05 7.64
C ALA A 399 -2.65 -34.74 6.19
N THR A 400 -1.79 -35.14 5.25
CA THR A 400 -1.92 -34.94 3.80
C THR A 400 -3.01 -35.80 3.14
N ILE B 1 -31.72 -8.94 -12.03
CA ILE B 1 -30.27 -8.60 -11.89
C ILE B 1 -30.09 -7.65 -10.71
N VAL B 2 -29.18 -8.03 -9.81
CA VAL B 2 -28.87 -7.23 -8.61
C VAL B 2 -27.46 -6.60 -8.61
N VAL B 3 -27.44 -5.28 -8.83
CA VAL B 3 -26.23 -4.43 -8.77
C VAL B 3 -26.10 -3.86 -7.33
N THR B 4 -24.96 -4.05 -6.69
CA THR B 4 -24.76 -3.45 -5.36
C THR B 4 -23.81 -2.27 -5.37
N VAL B 5 -24.18 -1.23 -4.63
CA VAL B 5 -23.45 0.05 -4.59
C VAL B 5 -23.04 0.28 -3.15
N ARG B 6 -21.73 0.37 -2.93
CA ARG B 6 -21.15 0.55 -1.60
C ARG B 6 -20.66 1.99 -1.34
N LEU B 7 -21.04 2.51 -0.17
CA LEU B 7 -20.72 3.85 0.27
C LEU B 7 -20.52 3.86 1.79
N TRP B 8 -20.23 5.03 2.35
CA TRP B 8 -19.88 5.10 3.75
C TRP B 8 -20.70 6.06 4.52
N ASP B 9 -21.83 6.45 3.96
CA ASP B 9 -22.67 7.43 4.59
C ASP B 9 -24.10 6.88 4.69
N GLU B 10 -24.54 6.54 5.91
CA GLU B 10 -25.95 6.15 6.18
C GLU B 10 -27.05 7.05 5.54
N PRO B 11 -26.97 8.40 5.67
CA PRO B 11 -28.07 9.17 5.07
C PRO B 11 -27.96 9.51 3.58
N ILE B 12 -26.78 9.50 3.01
CA ILE B 12 -26.65 9.58 1.54
C ILE B 12 -27.19 8.25 0.93
N ALA B 13 -26.95 7.14 1.63
CA ALA B 13 -27.47 5.85 1.20
C ALA B 13 -29.01 5.95 1.10
N ALA B 14 -29.60 6.69 2.05
CA ALA B 14 -31.04 6.96 2.10
C ALA B 14 -31.46 7.69 0.83
N ALA B 15 -30.67 8.69 0.41
CA ALA B 15 -30.93 9.41 -0.85
C ALA B 15 -30.76 8.49 -2.07
N TYR B 16 -29.76 7.61 -2.03
CA TYR B 16 -29.53 6.70 -3.13
C TYR B 16 -30.71 5.75 -3.36
N ARG B 17 -31.29 5.22 -2.27
CA ARG B 17 -32.50 4.39 -2.29
C ARG B 17 -33.60 5.08 -3.13
N GLN B 18 -33.77 6.39 -2.95
CA GLN B 18 -34.80 7.16 -3.66
C GLN B 18 -34.43 7.31 -5.13
N SER B 19 -33.14 7.45 -5.42
CA SER B 19 -32.65 7.63 -6.79
C SER B 19 -32.83 6.36 -7.61
N PHE B 20 -32.46 5.24 -7.00
CA PHE B 20 -32.34 3.95 -7.67
C PHE B 20 -33.71 3.28 -7.89
N ALA B 21 -34.64 3.46 -6.94
CA ALA B 21 -36.09 3.26 -7.15
C ALA B 21 -36.60 3.98 -8.41
N ALA B 22 -36.23 5.26 -8.55
CA ALA B 22 -36.62 6.04 -9.72
C ALA B 22 -35.93 5.53 -10.99
N PHE B 23 -34.66 5.12 -10.86
CA PHE B 23 -33.93 4.48 -11.97
C PHE B 23 -34.68 3.28 -12.55
N THR B 24 -35.19 2.43 -11.66
CA THR B 24 -35.91 1.21 -11.99
C THR B 24 -37.26 1.51 -12.66
N ARG B 25 -37.92 2.59 -12.25
CA ARG B 25 -39.12 3.12 -12.91
C ARG B 25 -38.87 3.29 -14.42
N SER B 26 -37.65 3.71 -14.77
CA SER B 26 -37.22 3.79 -16.15
C SER B 26 -36.57 2.47 -16.64
N HIS B 27 -36.05 1.65 -15.71
CA HIS B 27 -35.23 0.45 -16.04
C HIS B 27 -35.63 -0.79 -15.20
N PRO B 28 -36.79 -1.42 -15.55
CA PRO B 28 -37.67 -2.43 -14.88
C PRO B 28 -37.27 -3.52 -13.82
N ASP B 29 -36.30 -4.45 -13.97
CA ASP B 29 -35.27 -4.74 -15.01
C ASP B 29 -33.87 -4.85 -14.33
N ILE B 30 -33.43 -3.79 -13.66
CA ILE B 30 -32.25 -3.82 -12.77
C ILE B 30 -32.68 -3.39 -11.34
N GLU B 31 -32.41 -4.23 -10.33
CA GLU B 31 -32.58 -3.80 -8.94
C GLU B 31 -31.24 -3.29 -8.41
N VAL B 32 -31.27 -2.09 -7.85
CA VAL B 32 -30.09 -1.49 -7.25
C VAL B 32 -30.27 -1.38 -5.75
N ARG B 33 -29.30 -1.94 -5.02
CA ARG B 33 -29.29 -1.95 -3.56
C ARG B 33 -28.02 -1.26 -3.05
N THR B 34 -28.13 -0.63 -1.88
CA THR B 34 -26.97 0.00 -1.25
C THR B 34 -26.30 -0.91 -0.20
N ASN B 35 -25.03 -0.63 0.07
CA ASN B 35 -24.29 -1.38 1.06
C ASN B 35 -23.41 -0.40 1.84
N LEU B 36 -23.77 -0.15 3.10
CA LEU B 36 -22.95 0.68 3.98
C LEU B 36 -21.86 -0.12 4.75
N VAL B 37 -20.65 0.44 4.75
CA VAL B 37 -19.59 0.07 5.69
C VAL B 37 -19.20 1.39 6.40
N ALA B 38 -18.94 1.30 7.72
CA ALA B 38 -18.50 2.44 8.55
C ALA B 38 -17.33 3.18 7.91
N TYR B 39 -17.37 4.51 7.89
CA TYR B 39 -16.26 5.29 7.30
C TYR B 39 -14.88 4.85 7.83
N SER B 40 -14.78 4.71 9.15
CA SER B 40 -13.51 4.46 9.79
C SER B 40 -12.89 3.12 9.32
N THR B 41 -13.69 2.10 9.08
CA THR B 41 -13.11 0.85 8.54
C THR B 41 -13.13 0.71 7.00
N TYR B 42 -14.03 1.43 6.32
CA TYR B 42 -14.24 1.40 4.84
C TYR B 42 -13.04 1.02 3.90
N PHE B 43 -11.98 1.83 3.92
CA PHE B 43 -10.84 1.68 3.01
C PHE B 43 -10.15 0.31 3.13
N GLU B 44 -9.93 -0.14 4.37
CA GLU B 44 -9.34 -1.50 4.64
C GLU B 44 -10.25 -2.67 4.26
N THR B 45 -11.53 -2.52 4.57
CA THR B 45 -12.57 -3.51 4.22
C THR B 45 -12.72 -3.75 2.69
N LEU B 46 -12.73 -2.66 1.93
CA LEU B 46 -12.77 -2.73 0.47
C LEU B 46 -11.51 -3.38 -0.09
N ARG B 47 -10.32 -2.89 0.31
CA ARG B 47 -9.03 -3.53 -0.07
C ARG B 47 -9.04 -5.07 0.11
N THR B 48 -9.60 -5.56 1.21
CA THR B 48 -9.76 -6.98 1.52
C THR B 48 -10.70 -7.69 0.56
N ASP B 49 -11.79 -7.02 0.20
CA ASP B 49 -12.83 -7.63 -0.61
C ASP B 49 -12.47 -7.67 -2.11
N VAL B 50 -11.81 -6.61 -2.58
CA VAL B 50 -11.32 -6.53 -3.94
C VAL B 50 -10.28 -7.63 -4.09
N ALA B 51 -9.35 -7.73 -3.12
CA ALA B 51 -8.28 -8.76 -3.16
C ALA B 51 -8.87 -10.15 -3.07
N GLY B 52 -10.03 -10.29 -2.41
CA GLY B 52 -10.68 -11.60 -2.19
C GLY B 52 -11.78 -11.95 -3.19
N GLY B 53 -12.01 -11.07 -4.19
CA GLY B 53 -13.11 -11.26 -5.16
C GLY B 53 -14.54 -11.13 -4.64
N SER B 54 -14.72 -10.46 -3.50
CA SER B 54 -16.04 -10.26 -2.87
C SER B 54 -16.51 -8.76 -2.73
N ALA B 55 -15.89 -7.83 -3.45
CA ALA B 55 -16.38 -6.41 -3.49
C ALA B 55 -17.68 -6.26 -4.27
N ASP B 56 -18.42 -5.19 -3.97
CA ASP B 56 -19.68 -4.87 -4.67
C ASP B 56 -19.48 -4.45 -6.12
N ASP B 57 -20.57 -4.43 -6.87
CA ASP B 57 -20.51 -4.07 -8.28
C ASP B 57 -20.04 -2.62 -8.49
N ILE B 58 -20.46 -1.72 -7.59
CA ILE B 58 -20.09 -0.29 -7.59
C ILE B 58 -19.68 0.12 -6.18
N PHE B 59 -18.56 0.81 -6.07
CA PHE B 59 -18.13 1.31 -4.77
C PHE B 59 -17.54 2.71 -4.82
N TRP B 60 -17.78 3.44 -3.74
CA TRP B 60 -17.13 4.72 -3.55
C TRP B 60 -15.62 4.52 -3.35
N LEU B 61 -14.85 5.37 -4.00
CA LEU B 61 -13.40 5.36 -3.83
C LEU B 61 -12.87 6.62 -3.20
N SER B 62 -11.77 6.43 -2.45
CA SER B 62 -10.91 7.50 -1.97
C SER B 62 -9.55 7.25 -2.61
N ASN B 63 -8.60 8.14 -2.35
CA ASN B 63 -7.30 8.01 -2.96
C ASN B 63 -6.43 6.88 -2.37
N ALA B 64 -6.79 6.36 -1.20
CA ALA B 64 -6.01 5.39 -0.41
C ALA B 64 -5.45 4.16 -1.18
N TYR B 65 -6.34 3.43 -1.84
CA TYR B 65 -5.94 2.23 -2.57
C TYR B 65 -6.18 2.38 -4.07
N PHE B 66 -6.50 3.62 -4.44
CA PHE B 66 -6.99 3.97 -5.76
C PHE B 66 -6.01 3.54 -6.90
N ALA B 67 -4.75 3.96 -6.74
CA ALA B 67 -3.66 3.69 -7.67
C ALA B 67 -3.51 2.18 -7.91
N ALA B 68 -3.52 1.40 -6.84
CA ALA B 68 -3.40 -0.05 -6.98
C ALA B 68 -4.61 -0.67 -7.71
N TYR B 69 -5.82 -0.10 -7.53
CA TYR B 69 -7.01 -0.63 -8.22
C TYR B 69 -7.06 -0.28 -9.73
N ALA B 70 -6.84 1.00 -10.07
CA ALA B 70 -6.76 1.44 -11.45
C ALA B 70 -5.71 0.62 -12.24
N ASP B 71 -4.46 0.61 -11.77
CA ASP B 71 -3.34 -0.05 -12.49
C ASP B 71 -3.51 -1.56 -12.72
N SER B 72 -4.07 -2.28 -11.75
CA SER B 72 -4.23 -3.74 -11.87
C SER B 72 -5.46 -4.17 -12.67
N GLY B 73 -6.29 -3.24 -13.09
CA GLY B 73 -7.47 -3.59 -13.83
C GLY B 73 -8.65 -4.03 -12.97
N ARG B 74 -8.69 -3.60 -11.71
CA ARG B 74 -9.88 -3.74 -10.85
C ARG B 74 -11.10 -2.91 -11.30
N LEU B 75 -10.87 -1.77 -11.95
CA LEU B 75 -11.92 -0.76 -12.15
C LEU B 75 -12.32 -0.58 -13.62
N MET B 76 -13.60 -0.31 -13.89
CA MET B 76 -13.98 -0.03 -15.28
C MET B 76 -13.48 1.34 -15.68
N LYS B 77 -13.05 1.44 -16.93
CA LYS B 77 -12.82 2.73 -17.59
C LYS B 77 -14.16 3.46 -17.65
N ILE B 78 -14.14 4.73 -17.24
CA ILE B 78 -15.29 5.62 -17.36
C ILE B 78 -15.10 6.66 -18.47
N GLN B 79 -15.66 6.36 -19.64
CA GLN B 79 -15.45 7.16 -20.86
C GLN B 79 -16.70 7.95 -21.25
N THR B 80 -17.33 8.63 -20.28
CA THR B 80 -18.71 9.13 -20.49
C THR B 80 -18.98 10.62 -20.21
N ASP B 81 -18.78 11.48 -21.23
CA ASP B 81 -19.28 12.88 -21.24
C ASP B 81 -19.05 13.66 -19.93
N ALA B 82 -17.79 13.71 -19.50
CA ALA B 82 -17.34 14.34 -18.24
C ALA B 82 -17.74 15.83 -18.00
N ALA B 83 -18.36 16.46 -19.00
CA ALA B 83 -18.59 17.91 -19.07
C ALA B 83 -19.49 18.54 -18.00
N ASP B 84 -20.43 17.79 -17.42
CA ASP B 84 -21.25 18.35 -16.34
C ASP B 84 -20.75 18.00 -14.93
N TRP B 85 -19.55 17.43 -14.86
CA TRP B 85 -18.94 16.98 -13.59
C TRP B 85 -17.84 17.89 -13.07
N GLU B 86 -17.96 18.22 -11.79
CA GLU B 86 -16.98 19.01 -11.03
C GLU B 86 -15.52 18.59 -11.39
N PRO B 87 -14.74 19.48 -12.06
CA PRO B 87 -13.41 19.15 -12.67
C PRO B 87 -12.27 18.66 -11.71
N ALA B 88 -12.22 19.19 -10.48
CA ALA B 88 -11.38 18.69 -9.39
C ALA B 88 -11.61 17.18 -9.19
N VAL B 89 -12.89 16.81 -9.18
CA VAL B 89 -13.34 15.48 -8.88
C VAL B 89 -13.00 14.50 -9.98
N VAL B 90 -12.98 14.96 -11.24
CA VAL B 90 -12.39 14.20 -12.35
C VAL B 90 -10.90 13.98 -12.09
N ASP B 91 -10.15 15.08 -12.01
CA ASP B 91 -8.69 15.05 -11.78
C ASP B 91 -8.32 14.02 -10.73
N GLN B 92 -8.89 14.13 -9.53
CA GLN B 92 -8.72 13.22 -8.39
C GLN B 92 -8.79 11.72 -8.77
N PHE B 93 -9.70 11.37 -9.66
CA PHE B 93 -9.90 9.99 -10.05
C PHE B 93 -9.44 9.67 -11.45
N THR B 94 -8.46 10.45 -11.91
CA THR B 94 -7.84 10.27 -13.23
C THR B 94 -6.43 9.75 -13.02
N ARG B 95 -6.09 8.76 -13.82
CA ARG B 95 -4.77 8.19 -13.75
C ARG B 95 -4.43 7.58 -15.10
N SER B 96 -3.26 7.95 -15.61
CA SER B 96 -2.82 7.56 -16.93
C SER B 96 -3.77 8.05 -17.99
N GLY B 97 -4.29 9.27 -17.78
CA GLY B 97 -5.24 9.91 -18.72
C GLY B 97 -6.59 9.21 -19.00
N VAL B 98 -6.83 8.10 -18.29
CA VAL B 98 -8.14 7.41 -18.20
C VAL B 98 -8.81 7.79 -16.87
N LEU B 99 -10.12 8.01 -16.92
CA LEU B 99 -10.89 8.24 -15.72
C LEU B 99 -11.39 6.89 -15.13
N TRP B 100 -11.29 6.77 -13.81
CA TRP B 100 -11.55 5.46 -13.18
C TRP B 100 -12.76 5.41 -12.25
N GLY B 101 -13.54 6.51 -12.25
CA GLY B 101 -14.80 6.56 -11.51
C GLY B 101 -15.70 7.71 -11.86
N VAL B 102 -17.00 7.46 -11.81
CA VAL B 102 -18.04 8.50 -11.90
C VAL B 102 -18.07 9.45 -10.69
N PRO B 103 -17.73 10.74 -10.88
CA PRO B 103 -17.80 11.67 -9.74
C PRO B 103 -19.22 11.72 -9.19
N GLN B 104 -19.37 11.82 -7.87
CA GLN B 104 -20.67 11.73 -7.19
C GLN B 104 -20.95 12.92 -6.23
N LEU B 105 -20.05 13.12 -5.26
CA LEU B 105 -20.19 14.16 -4.26
C LEU B 105 -19.02 15.12 -4.31
N THR B 106 -19.19 16.26 -3.64
CA THR B 106 -18.08 17.20 -3.42
C THR B 106 -18.24 17.98 -2.13
N ASP B 107 -17.09 18.29 -1.50
CA ASP B 107 -17.05 19.07 -0.25
C ASP B 107 -17.26 20.53 -0.56
N ALA B 108 -16.90 20.91 -1.80
CA ALA B 108 -16.75 22.28 -2.23
C ALA B 108 -15.62 23.01 -1.46
N GLY B 109 -15.65 24.34 -1.48
CA GLY B 109 -14.57 25.16 -0.99
C GLY B 109 -14.70 25.46 0.48
N ILE B 110 -13.60 25.94 1.05
CA ILE B 110 -13.58 26.46 2.42
C ILE B 110 -14.13 27.90 2.44
N ALA B 111 -14.81 28.31 3.51
CA ALA B 111 -15.26 29.72 3.64
C ALA B 111 -15.32 30.08 5.12
N VAL B 112 -15.90 31.24 5.42
CA VAL B 112 -15.91 31.79 6.79
C VAL B 112 -17.33 31.97 7.40
N PHE B 113 -17.71 31.02 8.27
CA PHE B 113 -18.86 31.23 9.20
C PHE B 113 -18.61 32.48 10.11
N TYR B 114 -19.60 33.37 10.22
CA TYR B 114 -19.57 34.51 11.17
C TYR B 114 -20.84 34.62 12.03
N ASN B 115 -20.63 34.96 13.31
CA ASN B 115 -21.62 35.37 14.29
C ASN B 115 -21.87 36.87 14.11
N ALA B 116 -22.96 37.18 13.42
CA ALA B 116 -23.37 38.56 13.11
C ALA B 116 -23.61 39.50 14.30
N ASP B 117 -24.09 38.93 15.41
CA ASP B 117 -24.25 39.69 16.65
C ASP B 117 -22.89 40.10 17.20
N LEU B 118 -21.97 39.14 17.31
CA LEU B 118 -20.60 39.47 17.71
C LEU B 118 -19.92 40.49 16.78
N LEU B 119 -20.25 40.43 15.48
CA LEU B 119 -19.74 41.38 14.49
C LEU B 119 -20.26 42.80 14.75
N ALA B 120 -21.60 42.93 14.77
CA ALA B 120 -22.30 44.17 15.14
C ALA B 120 -21.78 44.71 16.47
N ALA B 121 -21.56 43.84 17.44
CA ALA B 121 -21.02 44.29 18.72
C ALA B 121 -19.74 45.09 18.52
N ALA B 122 -18.87 44.61 17.63
CA ALA B 122 -17.52 45.17 17.41
C ALA B 122 -17.48 46.36 16.43
N GLY B 123 -18.66 46.79 15.96
CA GLY B 123 -18.79 47.80 14.91
C GLY B 123 -18.35 47.29 13.54
N VAL B 124 -18.44 45.99 13.31
CA VAL B 124 -17.98 45.39 12.06
C VAL B 124 -19.18 44.91 11.24
N ASP B 125 -19.24 45.41 10.01
CA ASP B 125 -20.17 44.93 9.03
C ASP B 125 -19.70 43.64 8.31
N PRO B 126 -20.63 42.67 8.08
CA PRO B 126 -20.31 41.42 7.36
C PRO B 126 -19.56 41.53 6.01
N THR B 127 -19.76 42.61 5.24
CA THR B 127 -19.10 42.71 3.92
C THR B 127 -17.61 43.07 4.06
N GLN B 128 -17.22 43.48 5.26
CA GLN B 128 -15.82 43.73 5.52
C GLN B 128 -15.02 42.44 5.50
N VAL B 129 -15.68 41.34 5.87
CA VAL B 129 -15.08 40.02 5.94
C VAL B 129 -14.67 39.47 4.56
N ASP B 130 -15.49 39.74 3.54
CA ASP B 130 -15.23 39.31 2.17
C ASP B 130 -14.04 40.01 1.53
N ASN B 131 -13.52 41.05 2.16
CA ASN B 131 -12.27 41.70 1.69
C ASN B 131 -11.03 41.69 2.64
N LEU B 132 -10.82 40.59 3.35
CA LEU B 132 -9.67 40.41 4.23
C LEU B 132 -8.46 39.79 3.54
N ARG B 133 -7.28 40.17 4.00
CA ARG B 133 -6.01 39.74 3.40
C ARG B 133 -5.10 39.32 4.55
N TRP B 134 -4.66 38.06 4.54
CA TRP B 134 -3.63 37.62 5.45
C TRP B 134 -2.26 37.66 4.78
N SER B 135 -1.24 38.06 5.55
CA SER B 135 0.14 38.14 5.09
C SER B 135 1.10 38.26 6.27
N ARG B 136 2.35 37.82 6.08
CA ARG B 136 3.37 38.05 7.10
C ARG B 136 3.96 39.45 7.03
N GLY B 137 3.75 40.15 5.91
CA GLY B 137 4.13 41.57 5.75
C GLY B 137 3.10 42.48 6.39
N ASP B 138 3.34 43.79 6.37
CA ASP B 138 2.39 44.71 7.08
C ASP B 138 1.31 45.36 6.21
N ASP B 139 1.08 44.68 5.10
CA ASP B 139 -0.14 44.74 4.33
C ASP B 139 -1.22 43.77 4.86
N ASP B 140 -1.02 43.17 6.04
CA ASP B 140 -1.97 42.21 6.56
C ASP B 140 -3.19 43.01 7.01
N THR B 141 -4.40 42.50 6.78
CA THR B 141 -5.62 43.13 7.33
C THR B 141 -6.46 42.14 8.17
N LEU B 142 -6.12 40.84 8.09
CA LEU B 142 -6.76 39.79 8.91
C LEU B 142 -6.51 40.04 10.42
N ARG B 143 -5.25 40.21 10.83
CA ARG B 143 -4.88 40.34 12.27
C ARG B 143 -5.59 41.48 13.02
N PRO B 144 -5.60 42.72 12.47
CA PRO B 144 -6.38 43.69 13.25
C PRO B 144 -7.91 43.43 13.27
N MET B 145 -8.46 42.79 12.24
CA MET B 145 -9.87 42.45 12.29
C MET B 145 -10.08 41.48 13.43
N LEU B 146 -9.19 40.49 13.53
CA LEU B 146 -9.36 39.44 14.52
C LEU B 146 -9.11 39.95 15.92
N ALA B 147 -8.13 40.83 16.07
CA ALA B 147 -7.94 41.54 17.31
C ALA B 147 -9.25 42.20 17.81
N ARG B 148 -9.99 42.84 16.91
CA ARG B 148 -11.13 43.68 17.30
C ARG B 148 -12.24 42.79 17.81
N LEU B 149 -12.19 41.53 17.37
CA LEU B 149 -13.24 40.53 17.54
C LEU B 149 -12.90 39.49 18.61
N THR B 150 -11.86 39.76 19.38
CA THR B 150 -11.35 38.86 20.41
C THR B 150 -11.41 39.59 21.76
N VAL B 151 -12.22 39.08 22.68
CA VAL B 151 -12.53 39.81 23.92
C VAL B 151 -12.22 39.04 25.19
N ASP B 152 -11.54 39.68 26.14
CA ASP B 152 -11.32 39.09 27.47
C ASP B 152 -12.47 39.37 28.50
N ALA B 153 -12.30 38.89 29.74
CA ALA B 153 -13.37 38.88 30.80
C ALA B 153 -13.69 40.26 31.39
N ASP B 154 -12.65 41.10 31.49
CA ASP B 154 -12.78 42.50 31.88
C ASP B 154 -13.08 43.46 30.68
N GLY B 155 -13.73 42.92 29.62
CA GLY B 155 -14.09 43.66 28.40
C GLY B 155 -13.02 44.15 27.40
N ARG B 156 -11.75 43.87 27.65
CA ARG B 156 -10.66 44.39 26.83
C ARG B 156 -10.36 43.50 25.58
N THR B 157 -10.15 44.13 24.41
CA THR B 157 -9.97 43.36 23.19
C THR B 157 -8.45 43.13 22.94
N ALA B 158 -8.09 42.35 21.93
CA ALA B 158 -6.72 41.85 21.79
C ALA B 158 -5.70 42.91 21.40
N ASN B 159 -6.16 44.01 20.81
CA ASN B 159 -5.34 45.23 20.51
C ASN B 159 -5.17 46.23 21.70
N THR B 160 -6.04 46.13 22.72
CA THR B 160 -6.05 46.99 23.91
C THR B 160 -4.91 46.62 24.88
N PRO B 161 -4.13 47.61 25.38
CA PRO B 161 -3.24 47.35 26.52
C PRO B 161 -4.05 47.01 27.75
N GLY B 162 -3.74 45.89 28.38
CA GLY B 162 -4.50 45.36 29.51
C GLY B 162 -5.15 44.02 29.19
N PHE B 163 -4.94 43.54 27.96
CA PHE B 163 -5.55 42.29 27.49
C PHE B 163 -4.95 41.10 28.23
N ASP B 164 -5.82 40.33 28.86
CA ASP B 164 -5.41 39.07 29.49
C ASP B 164 -5.68 37.91 28.58
N ALA B 165 -4.62 37.48 27.88
CA ALA B 165 -4.63 36.29 27.00
C ALA B 165 -5.04 35.02 27.74
N ARG B 166 -4.73 34.99 29.05
CA ARG B 166 -4.97 33.83 29.91
C ARG B 166 -6.45 33.67 30.28
N ARG B 167 -7.23 34.77 30.27
CA ARG B 167 -8.63 34.73 30.68
C ARG B 167 -9.63 35.14 29.56
N VAL B 168 -9.48 34.55 28.38
CA VAL B 168 -10.24 34.99 27.18
C VAL B 168 -11.72 34.57 27.28
N ARG B 169 -12.63 35.52 27.17
CA ARG B 169 -14.08 35.21 27.04
C ARG B 169 -14.48 34.79 25.61
N GLN B 170 -14.04 35.55 24.59
CA GLN B 170 -14.48 35.31 23.20
C GLN B 170 -13.35 35.37 22.13
N TRP B 171 -13.28 34.31 21.31
CA TRP B 171 -12.26 34.14 20.26
C TRP B 171 -12.68 34.76 18.92
N GLY B 172 -11.75 35.44 18.25
CA GLY B 172 -11.99 36.00 16.92
C GLY B 172 -12.04 34.98 15.78
N TYR B 173 -11.25 33.90 15.90
CA TYR B 173 -11.00 32.98 14.78
C TYR B 173 -10.67 31.56 15.24
N ASN B 174 -10.69 30.61 14.32
CA ASN B 174 -10.34 29.24 14.64
C ASN B 174 -9.05 28.68 14.00
N ALA B 175 -8.03 29.51 13.83
CA ALA B 175 -6.68 29.00 13.44
C ALA B 175 -6.23 27.83 14.37
N ALA B 176 -5.81 26.73 13.76
CA ALA B 176 -5.43 25.48 14.48
C ALA B 176 -4.84 24.39 13.57
N ASN B 177 -4.27 23.35 14.19
CA ASN B 177 -3.80 22.14 13.54
C ASN B 177 -5.02 21.40 12.95
N ASP B 178 -5.55 21.96 11.87
CA ASP B 178 -6.77 21.52 11.25
C ASP B 178 -6.54 21.67 9.75
N PRO B 179 -6.20 20.56 9.07
CA PRO B 179 -5.77 20.70 7.67
C PRO B 179 -6.83 21.26 6.77
N GLN B 180 -8.03 20.71 6.78
CA GLN B 180 -8.99 21.02 5.74
C GLN B 180 -9.54 22.43 5.93
N ALA B 181 -9.80 22.80 7.18
CA ALA B 181 -10.43 24.08 7.47
C ALA B 181 -9.40 25.24 7.49
N ILE B 182 -8.18 24.92 7.94
CA ILE B 182 -7.14 25.96 8.09
C ILE B 182 -5.94 25.74 7.16
N TYR B 183 -4.95 24.94 7.55
CA TYR B 183 -3.62 25.09 6.97
C TYR B 183 -3.37 24.75 5.51
N LEU B 184 -4.12 23.78 4.97
CA LEU B 184 -4.04 23.50 3.52
C LEU B 184 -4.37 24.74 2.75
N ASN B 185 -5.36 25.48 3.22
CA ASN B 185 -5.71 26.77 2.56
C ASN B 185 -4.63 27.83 2.65
N TYR B 186 -4.01 27.94 3.84
CA TYR B 186 -2.89 28.86 4.04
C TYR B 186 -1.77 28.51 3.11
N ILE B 187 -1.48 27.22 3.00
CA ILE B 187 -0.37 26.75 2.17
C ILE B 187 -0.60 27.15 0.71
N GLY B 188 -1.78 26.81 0.15
CA GLY B 188 -2.13 27.08 -1.23
C GLY B 188 -2.14 28.57 -1.44
N SER B 189 -2.71 29.30 -0.50
CA SER B 189 -2.79 30.78 -0.60
C SER B 189 -1.43 31.45 -0.46
N ALA B 190 -0.43 30.67 -0.11
CA ALA B 190 0.94 31.20 -0.15
C ALA B 190 1.72 30.66 -1.33
N GLY B 191 1.05 29.92 -2.23
CA GLY B 191 1.72 29.25 -3.36
C GLY B 191 2.52 27.98 -3.05
N GLY B 192 2.51 27.53 -1.81
CA GLY B 192 3.22 26.30 -1.52
C GLY B 192 2.37 25.09 -1.80
N VAL B 193 2.96 23.90 -1.66
CA VAL B 193 2.20 22.67 -1.72
C VAL B 193 2.27 21.85 -0.41
N PHE B 194 1.38 20.88 -0.29
CA PHE B 194 1.39 19.96 0.81
C PHE B 194 1.92 18.57 0.40
N GLN B 195 1.26 17.95 -0.59
CA GLN B 195 1.72 16.70 -1.24
C GLN B 195 2.20 16.98 -2.68
N ARG B 196 3.12 16.16 -3.17
CA ARG B 196 3.45 16.08 -4.62
C ARG B 196 3.87 14.64 -4.95
N ASP B 197 3.30 14.09 -6.03
CA ASP B 197 3.69 12.77 -6.52
C ASP B 197 3.55 11.67 -5.45
N GLY B 198 2.50 11.75 -4.63
CA GLY B 198 2.32 10.81 -3.55
C GLY B 198 3.21 11.01 -2.33
N LYS B 199 4.23 11.85 -2.40
CA LYS B 199 4.99 12.07 -1.18
C LYS B 199 4.67 13.42 -0.53
N PHE B 200 4.80 13.47 0.78
CA PHE B 200 4.72 14.68 1.57
C PHE B 200 5.83 15.65 1.21
N ALA B 201 5.45 16.91 1.05
CA ALA B 201 6.26 17.88 0.34
C ALA B 201 6.09 19.29 0.92
N PHE B 202 5.49 19.41 2.10
CA PHE B 202 5.24 20.70 2.79
C PHE B 202 6.47 21.42 3.33
N ASP B 203 7.64 20.81 3.19
CA ASP B 203 8.89 21.50 3.48
C ASP B 203 9.32 22.44 2.32
N ASN B 204 8.65 23.58 2.20
CA ASN B 204 8.88 24.54 1.12
C ASN B 204 8.59 26.02 1.54
N PRO B 205 9.10 27.03 0.79
CA PRO B 205 8.95 28.39 1.32
C PRO B 205 7.50 28.84 1.55
N GLY B 206 6.59 28.41 0.66
CA GLY B 206 5.13 28.71 0.75
C GLY B 206 4.49 28.17 2.04
N ALA B 207 4.68 26.88 2.30
CA ALA B 207 4.12 26.26 3.50
C ALA B 207 4.76 26.82 4.76
N ILE B 208 6.06 27.09 4.72
CA ILE B 208 6.77 27.74 5.84
C ILE B 208 6.08 29.07 6.23
N GLU B 209 5.78 29.88 5.24
CA GLU B 209 5.12 31.17 5.45
C GLU B 209 3.71 31.05 6.06
N ALA B 210 2.95 30.09 5.58
CA ALA B 210 1.64 29.79 6.05
C ALA B 210 1.66 29.33 7.53
N PHE B 211 2.55 28.39 7.86
CA PHE B 211 2.63 27.89 9.25
C PHE B 211 3.18 28.92 10.20
N ARG B 212 4.16 29.72 9.76
CA ARG B 212 4.67 30.83 10.62
C ARG B 212 3.53 31.79 10.97
N TYR B 213 2.72 32.13 9.97
CA TYR B 213 1.56 33.00 10.16
C TYR B 213 0.59 32.43 11.20
N LEU B 214 0.15 31.20 11.00
CA LEU B 214 -0.75 30.49 11.91
C LEU B 214 -0.27 30.34 13.36
N VAL B 215 0.99 29.99 13.55
CA VAL B 215 1.63 29.91 14.87
C VAL B 215 1.54 31.24 15.61
N GLY B 216 1.76 32.35 14.89
CA GLY B 216 1.59 33.72 15.43
C GLY B 216 0.17 34.08 15.86
N LEU B 217 -0.83 33.74 15.06
CA LEU B 217 -2.18 34.10 15.43
C LEU B 217 -2.56 33.42 16.75
N ILE B 218 -1.99 32.25 17.01
CA ILE B 218 -2.37 31.44 18.20
C ILE B 218 -1.55 31.81 19.45
N ASN B 219 -0.22 31.82 19.29
CA ASN B 219 0.71 31.98 20.42
C ASN B 219 1.21 33.40 20.74
N ASP B 220 1.09 34.26 19.74
CA ASP B 220 1.52 35.64 19.84
C ASP B 220 0.31 36.57 19.89
N ASP B 221 -0.64 36.46 18.96
CA ASP B 221 -1.80 37.38 18.96
C ASP B 221 -2.90 37.03 19.93
N HIS B 222 -3.05 35.73 20.22
CA HIS B 222 -4.12 35.19 21.06
C HIS B 222 -5.57 35.38 20.53
N VAL B 223 -5.76 35.17 19.23
CA VAL B 223 -7.03 35.53 18.53
C VAL B 223 -7.82 34.29 18.09
N ALA B 224 -7.12 33.15 18.11
CA ALA B 224 -7.70 31.82 18.04
C ALA B 224 -7.39 31.06 19.37
N PRO B 225 -8.12 29.96 19.69
CA PRO B 225 -7.86 29.15 20.92
C PRO B 225 -6.42 28.62 21.02
N PRO B 226 -5.90 28.42 22.26
CA PRO B 226 -4.53 27.85 22.34
C PRO B 226 -4.51 26.44 21.71
N ALA B 227 -3.32 25.96 21.30
CA ALA B 227 -3.23 24.72 20.54
C ALA B 227 -3.53 23.52 21.44
N SER B 228 -3.21 23.66 22.73
CA SER B 228 -3.55 22.61 23.70
C SER B 228 -5.05 22.27 23.70
N ASP B 229 -5.88 23.28 23.40
CA ASP B 229 -7.31 23.08 23.33
C ASP B 229 -7.78 22.52 22.01
N THR B 230 -6.93 22.54 20.96
CA THR B 230 -7.34 22.14 19.57
C THR B 230 -6.53 21.01 18.88
N ASN B 231 -5.26 20.84 19.27
CA ASN B 231 -4.47 19.67 18.88
C ASN B 231 -5.25 18.43 19.42
N ASP B 232 -5.63 17.51 18.54
CA ASP B 232 -6.47 16.35 18.97
C ASP B 232 -8.00 16.67 19.07
N ASN B 233 -8.36 17.68 19.87
CA ASN B 233 -9.77 18.09 20.00
C ASN B 233 -10.31 18.85 18.76
N GLY B 234 -10.74 18.07 17.77
CA GLY B 234 -11.15 18.55 16.45
C GLY B 234 -12.39 19.41 16.43
N ASP B 235 -13.20 19.31 17.48
CA ASP B 235 -14.47 20.02 17.55
C ASP B 235 -14.44 21.25 18.48
N PHE B 236 -13.31 21.47 19.16
CA PHE B 236 -13.20 22.52 20.17
C PHE B 236 -13.61 23.93 19.70
N SER B 237 -13.13 24.33 18.53
CA SER B 237 -13.44 25.64 17.97
C SER B 237 -14.94 25.76 17.63
N ARG B 238 -15.52 24.73 16.99
CA ARG B 238 -16.96 24.75 16.63
C ARG B 238 -17.90 24.76 17.87
N ASN B 239 -17.50 24.06 18.92
CA ASN B 239 -18.28 24.12 20.18
C ASN B 239 -18.15 25.50 20.80
N GLN B 240 -16.93 26.03 20.86
CA GLN B 240 -16.71 27.43 21.24
C GLN B 240 -17.49 28.38 20.29
N PHE B 241 -17.62 28.03 19.01
CA PHE B 241 -18.46 28.82 18.07
C PHE B 241 -19.93 28.83 18.44
N LEU B 242 -20.55 27.64 18.50
CA LEU B 242 -21.96 27.42 18.90
C LEU B 242 -22.37 28.06 20.24
N ALA B 243 -21.52 27.96 21.25
CA ALA B 243 -21.71 28.60 22.56
C ALA B 243 -21.60 30.15 22.52
N GLY B 244 -21.41 30.71 21.33
CA GLY B 244 -21.28 32.18 21.13
C GLY B 244 -20.02 32.83 21.66
N LYS B 245 -18.91 32.08 21.70
CA LYS B 245 -17.63 32.68 22.16
C LYS B 245 -16.57 32.79 21.03
N MET B 246 -16.99 32.62 19.77
CA MET B 246 -16.10 32.82 18.62
C MET B 246 -16.75 33.60 17.46
N ALA B 247 -16.09 34.69 17.04
CA ALA B 247 -16.64 35.60 16.03
C ALA B 247 -16.67 35.07 14.62
N LEU B 248 -15.49 34.64 14.12
CA LEU B 248 -15.33 34.11 12.74
C LEU B 248 -14.93 32.67 12.82
N PHE B 249 -15.43 31.84 11.91
CA PHE B 249 -15.21 30.40 11.98
C PHE B 249 -14.98 29.87 10.59
N GLN B 250 -13.71 29.66 10.22
CA GLN B 250 -13.38 29.16 8.89
C GLN B 250 -13.53 27.63 8.84
N SER B 251 -14.38 27.14 7.95
CA SER B 251 -14.68 25.69 7.81
C SER B 251 -15.31 25.36 6.44
N GLY B 252 -15.56 24.08 6.19
CA GLY B 252 -16.23 23.67 4.99
C GLY B 252 -17.73 23.51 5.19
N THR B 253 -18.39 23.15 4.10
CA THR B 253 -19.83 22.79 4.04
C THR B 253 -20.28 21.71 5.08
N TYR B 254 -19.47 20.68 5.28
CA TYR B 254 -19.60 19.74 6.39
C TYR B 254 -19.87 20.36 7.80
N SER B 255 -19.68 21.68 7.93
CA SER B 255 -20.03 22.37 9.16
C SER B 255 -21.38 23.07 9.11
N LEU B 256 -21.99 23.16 7.91
CA LEU B 256 -23.34 23.77 7.76
C LEU B 256 -24.39 23.20 8.73
N ALA B 257 -24.66 21.89 8.61
CA ALA B 257 -25.66 21.25 9.43
C ALA B 257 -25.41 21.43 10.96
N PRO B 258 -24.20 21.07 11.48
CA PRO B 258 -24.04 21.21 12.97
C PRO B 258 -24.27 22.62 13.56
N VAL B 259 -23.87 23.66 12.82
CA VAL B 259 -24.09 25.07 13.19
C VAL B 259 -25.56 25.50 13.04
N ALA B 260 -26.24 25.11 11.95
CA ALA B 260 -27.72 25.31 11.83
C ALA B 260 -28.53 24.63 12.96
N ARG B 261 -28.09 23.44 13.39
CA ARG B 261 -28.77 22.65 14.43
C ARG B 261 -28.76 23.33 15.80
N ASP B 262 -27.57 23.75 16.28
CA ASP B 262 -27.43 24.23 17.66
C ASP B 262 -27.33 25.77 17.92
N ALA B 263 -26.87 26.57 16.96
CA ALA B 263 -26.60 28.03 17.20
C ALA B 263 -27.81 28.98 17.22
N LEU B 264 -28.02 29.66 18.34
CA LEU B 264 -29.20 30.50 18.51
C LEU B 264 -28.89 32.00 18.34
N PHE B 265 -27.72 32.30 17.80
CA PHE B 265 -27.39 33.68 17.41
C PHE B 265 -27.66 33.94 15.90
N HIS B 266 -27.54 35.18 15.47
CA HIS B 266 -27.59 35.51 14.04
C HIS B 266 -26.23 35.12 13.40
N TRP B 267 -26.28 34.50 12.21
CA TRP B 267 -25.09 34.05 11.46
C TRP B 267 -25.20 34.07 9.93
N GLY B 268 -24.05 34.02 9.26
CA GLY B 268 -23.95 34.00 7.79
C GLY B 268 -22.60 33.43 7.37
N VAL B 269 -22.37 33.35 6.06
CA VAL B 269 -21.10 32.89 5.56
C VAL B 269 -20.46 33.85 4.56
N ALA B 270 -19.14 34.04 4.75
CA ALA B 270 -18.30 34.93 3.94
C ALA B 270 -17.10 34.20 3.29
N MET B 271 -16.46 34.90 2.34
CA MET B 271 -15.29 34.42 1.58
C MET B 271 -14.05 34.13 2.43
N LEU B 272 -13.32 33.10 2.03
CA LEU B 272 -11.94 32.84 2.44
C LEU B 272 -11.04 34.11 2.35
N PRO B 273 -10.22 34.36 3.38
CA PRO B 273 -9.29 35.50 3.22
C PRO B 273 -8.29 35.27 2.09
N ALA B 274 -7.81 36.35 1.49
CA ALA B 274 -6.79 36.28 0.47
C ALA B 274 -5.44 36.19 1.18
N GLY B 275 -4.55 35.34 0.65
CA GLY B 275 -3.18 35.26 1.08
C GLY B 275 -2.29 35.84 0.00
N PRO B 276 -0.94 35.77 0.19
CA PRO B 276 -0.02 36.38 -0.79
C PRO B 276 -0.27 35.99 -2.29
N ALA B 277 -0.85 34.83 -2.53
CA ALA B 277 -1.13 34.37 -3.87
C ALA B 277 -2.63 34.19 -4.10
N GLY B 278 -3.46 35.03 -3.48
CA GLY B 278 -4.88 35.01 -3.73
C GLY B 278 -5.59 34.07 -2.79
N ARG B 279 -6.92 33.98 -2.94
CA ARG B 279 -7.71 32.98 -2.22
C ARG B 279 -7.51 31.62 -2.88
N VAL B 280 -6.86 30.69 -2.20
CA VAL B 280 -6.67 29.37 -2.76
C VAL B 280 -7.28 28.42 -1.75
N SER B 281 -8.33 27.71 -2.18
CA SER B 281 -8.99 26.77 -1.30
C SER B 281 -8.56 25.35 -1.56
N VAL B 282 -8.74 24.52 -0.55
CA VAL B 282 -8.57 23.08 -0.66
C VAL B 282 -9.88 22.54 -1.17
N THR B 283 -9.80 21.44 -1.91
CA THR B 283 -11.01 20.71 -2.32
C THR B 283 -10.80 19.20 -2.30
N ASN B 284 -11.82 18.50 -1.82
CA ASN B 284 -11.96 17.06 -1.93
C ASN B 284 -13.30 16.59 -2.55
N GLY B 285 -13.36 15.31 -2.86
CA GLY B 285 -14.46 14.77 -3.65
C GLY B 285 -14.64 13.28 -3.48
N ILE B 286 -15.62 12.73 -4.19
CA ILE B 286 -15.97 11.32 -4.13
C ILE B 286 -16.45 10.83 -5.49
N ALA B 287 -15.96 9.66 -5.90
CA ALA B 287 -16.40 9.00 -7.12
C ALA B 287 -16.79 7.55 -6.90
N ALA B 288 -17.68 7.06 -7.79
CA ALA B 288 -18.13 5.68 -7.80
C ALA B 288 -17.47 4.94 -8.93
N ALA B 289 -16.84 3.82 -8.57
CA ALA B 289 -16.18 2.94 -9.53
C ALA B 289 -17.02 1.69 -9.76
N GLY B 290 -16.95 1.17 -10.98
CA GLY B 290 -17.53 -0.14 -11.34
C GLY B 290 -16.46 -1.22 -11.21
N ASN B 291 -16.82 -2.26 -10.48
CA ASN B 291 -16.00 -3.44 -10.29
C ASN B 291 -15.89 -4.20 -11.62
N SER B 292 -14.66 -4.42 -12.10
CA SER B 292 -14.43 -5.04 -13.42
C SER B 292 -14.68 -6.53 -13.41
N ALA B 293 -14.69 -7.11 -12.21
CA ALA B 293 -15.01 -8.52 -12.00
C ALA B 293 -16.51 -8.72 -11.70
N SER B 294 -17.33 -7.65 -11.80
CA SER B 294 -18.80 -7.73 -11.72
C SER B 294 -19.38 -8.89 -12.57
N LYS B 295 -20.27 -9.66 -11.97
CA LYS B 295 -20.99 -10.71 -12.70
C LYS B 295 -21.93 -10.14 -13.77
N HIS B 296 -22.30 -8.84 -13.69
CA HIS B 296 -23.19 -8.19 -14.70
C HIS B 296 -22.71 -6.81 -15.26
N PRO B 297 -21.64 -6.79 -16.09
CA PRO B 297 -21.03 -5.51 -16.53
C PRO B 297 -21.94 -4.49 -17.26
N ASP B 298 -22.85 -4.97 -18.11
CA ASP B 298 -23.76 -4.09 -18.86
C ASP B 298 -24.71 -3.34 -17.91
N ALA B 299 -25.17 -4.08 -16.87
CA ALA B 299 -26.07 -3.55 -15.83
C ALA B 299 -25.37 -2.50 -14.98
N VAL B 300 -24.11 -2.76 -14.61
CA VAL B 300 -23.26 -1.81 -13.92
C VAL B 300 -23.05 -0.48 -14.70
N ARG B 301 -22.71 -0.57 -15.98
CA ARG B 301 -22.49 0.61 -16.84
C ARG B 301 -23.76 1.44 -16.86
N GLN B 302 -24.90 0.75 -17.00
CA GLN B 302 -26.24 1.35 -16.91
C GLN B 302 -26.53 2.17 -15.65
N VAL B 303 -26.26 1.58 -14.48
CA VAL B 303 -26.40 2.24 -13.18
C VAL B 303 -25.41 3.43 -13.07
N LEU B 304 -24.18 3.24 -13.57
CA LEU B 304 -23.17 4.31 -13.49
C LEU B 304 -23.57 5.55 -14.28
N ALA B 305 -24.02 5.34 -15.53
CA ALA B 305 -24.54 6.41 -16.40
C ALA B 305 -25.66 7.17 -15.69
N TRP B 306 -26.57 6.44 -15.04
CA TRP B 306 -27.59 7.03 -14.18
C TRP B 306 -27.02 7.85 -13.00
N MET B 307 -26.04 7.26 -12.32
CA MET B 307 -25.48 7.88 -11.13
C MET B 307 -24.83 9.25 -11.41
N GLY B 308 -24.22 9.37 -12.60
CA GLY B 308 -23.53 10.58 -13.06
C GLY B 308 -24.39 11.57 -13.84
N SER B 309 -25.63 11.17 -14.14
CA SER B 309 -26.66 12.04 -14.77
C SER B 309 -27.24 13.08 -13.81
N THR B 310 -27.69 14.20 -14.39
CA THR B 310 -28.36 15.32 -13.70
C THR B 310 -29.38 14.86 -12.67
N GLU B 311 -30.35 14.10 -13.19
CA GLU B 311 -31.49 13.61 -12.46
C GLU B 311 -31.09 12.62 -11.37
N GLY B 312 -30.27 11.62 -11.73
CA GLY B 312 -29.68 10.66 -10.76
C GLY B 312 -29.00 11.26 -9.54
N ASN B 313 -28.11 12.22 -9.79
CA ASN B 313 -27.32 12.86 -8.74
C ASN B 313 -28.06 13.86 -7.88
N SER B 314 -29.10 14.47 -8.45
CA SER B 314 -29.87 15.47 -7.72
C SER B 314 -30.41 14.94 -6.41
N TYR B 315 -30.79 13.67 -6.38
CA TYR B 315 -31.24 12.99 -5.15
C TYR B 315 -30.25 13.14 -3.98
N LEU B 316 -28.97 13.33 -4.28
CA LEU B 316 -27.93 13.40 -3.24
C LEU B 316 -27.86 14.73 -2.43
N GLY B 317 -28.22 15.86 -3.04
CA GLY B 317 -28.17 17.16 -2.34
C GLY B 317 -29.51 17.60 -1.83
N ARG B 318 -30.47 16.68 -1.96
CA ARG B 318 -31.90 16.94 -1.74
C ARG B 318 -32.19 17.19 -0.26
N HIS B 319 -31.57 16.38 0.60
CA HIS B 319 -31.80 16.41 2.06
C HIS B 319 -30.87 17.38 2.86
N GLY B 320 -30.18 18.27 2.13
CA GLY B 320 -29.25 19.25 2.68
C GLY B 320 -27.86 18.78 3.14
N ALA B 321 -27.57 17.48 3.03
CA ALA B 321 -26.45 16.86 3.76
C ALA B 321 -25.13 16.66 2.98
N ALA B 322 -25.20 16.55 1.66
CA ALA B 322 -24.02 16.59 0.78
C ALA B 322 -24.34 17.20 -0.57
N ILE B 323 -23.28 17.41 -1.35
CA ILE B 323 -23.28 18.34 -2.49
C ILE B 323 -23.04 17.52 -3.70
N PRO B 324 -24.00 17.52 -4.64
CA PRO B 324 -23.83 16.88 -5.95
C PRO B 324 -22.53 17.33 -6.65
N ALA B 325 -21.84 16.37 -7.25
CA ALA B 325 -20.60 16.62 -8.00
C ALA B 325 -20.95 16.87 -9.45
N VAL B 326 -22.20 16.54 -9.79
CA VAL B 326 -22.80 16.81 -11.10
C VAL B 326 -23.32 18.24 -11.01
N LEU B 327 -22.78 19.12 -11.85
CA LEU B 327 -22.92 20.58 -11.67
C LEU B 327 -24.34 21.14 -11.70
N SER B 328 -25.11 20.70 -12.70
CA SER B 328 -26.47 21.16 -12.89
C SER B 328 -27.40 20.56 -11.82
N ALA B 329 -26.87 19.61 -11.06
CA ALA B 329 -27.61 19.00 -9.96
C ALA B 329 -27.44 19.79 -8.65
N GLN B 330 -26.42 20.65 -8.58
CA GLN B 330 -26.15 21.45 -7.36
C GLN B 330 -27.23 22.46 -6.91
N PRO B 331 -28.09 22.98 -7.83
CA PRO B 331 -29.06 23.96 -7.29
C PRO B 331 -30.06 23.46 -6.23
N VAL B 332 -30.40 22.16 -6.20
CA VAL B 332 -31.17 21.52 -5.06
C VAL B 332 -30.57 21.92 -3.66
N TYR B 333 -29.25 21.77 -3.56
CA TYR B 333 -28.43 22.15 -2.42
C TYR B 333 -28.47 23.63 -2.06
N PHE B 334 -28.34 24.52 -3.05
CA PHE B 334 -28.40 25.96 -2.78
C PHE B 334 -29.77 26.32 -2.19
N ASP B 335 -30.79 25.73 -2.80
CA ASP B 335 -32.15 25.99 -2.48
C ASP B 335 -32.51 25.44 -1.12
N TYR B 336 -31.94 24.27 -0.78
CA TYR B 336 -32.25 23.64 0.50
C TYR B 336 -31.90 24.57 1.65
N TRP B 337 -30.63 24.96 1.64
CA TRP B 337 -30.04 25.96 2.55
C TRP B 337 -30.63 27.39 2.47
N SER B 338 -30.81 27.90 1.25
CA SER B 338 -31.35 29.26 1.04
C SER B 338 -32.66 29.50 1.82
N ALA B 339 -33.56 28.51 1.78
CA ALA B 339 -34.86 28.56 2.47
C ALA B 339 -34.70 28.51 4.02
N ARG B 340 -33.59 27.89 4.47
CA ARG B 340 -33.20 27.86 5.89
C ARG B 340 -32.42 29.13 6.29
N GLY B 341 -32.34 30.12 5.41
CA GLY B 341 -31.75 31.44 5.73
C GLY B 341 -30.24 31.53 5.62
N VAL B 342 -29.65 30.58 4.86
CA VAL B 342 -28.18 30.49 4.67
C VAL B 342 -27.77 30.45 3.18
N ASP B 343 -27.12 31.55 2.75
CA ASP B 343 -26.49 31.65 1.43
C ASP B 343 -25.18 30.81 1.37
N VAL B 344 -25.24 29.71 0.59
CA VAL B 344 -24.11 28.76 0.43
C VAL B 344 -23.01 29.25 -0.54
N THR B 345 -23.23 30.39 -1.22
CA THR B 345 -22.35 30.83 -2.33
C THR B 345 -20.82 30.91 -2.08
N PRO B 346 -20.35 31.52 -0.95
CA PRO B 346 -18.89 31.64 -0.82
C PRO B 346 -18.12 30.31 -0.93
N PHE B 347 -18.76 29.20 -0.56
CA PHE B 347 -18.18 27.86 -0.64
C PHE B 347 -17.91 27.45 -2.08
N PHE B 348 -18.69 28.02 -2.99
CA PHE B 348 -18.54 27.68 -4.42
C PHE B 348 -17.69 28.68 -5.14
N ALA B 349 -17.93 29.94 -4.83
CA ALA B 349 -17.22 31.07 -5.42
C ALA B 349 -15.68 30.90 -5.39
N VAL B 350 -15.12 30.56 -4.22
CA VAL B 350 -13.66 30.42 -4.00
C VAL B 350 -12.93 29.44 -4.98
N LEU B 351 -13.60 28.38 -5.41
CA LEU B 351 -13.06 27.44 -6.38
C LEU B 351 -12.77 28.02 -7.77
N ASN B 352 -13.32 29.20 -8.10
CA ASN B 352 -13.09 29.89 -9.40
C ASN B 352 -11.63 30.27 -9.78
N GLY B 353 -10.65 29.93 -8.94
CA GLY B 353 -9.23 30.21 -9.26
C GLY B 353 -8.43 28.93 -9.15
N PRO B 354 -7.09 29.03 -8.85
CA PRO B 354 -6.35 27.81 -8.55
C PRO B 354 -6.86 27.20 -7.25
N ARG B 355 -6.87 25.89 -7.19
CA ARG B 355 -7.26 25.13 -6.01
C ARG B 355 -5.97 24.50 -5.45
N ILE B 356 -6.05 23.95 -4.27
CA ILE B 356 -5.02 23.00 -3.82
C ILE B 356 -5.77 21.65 -3.66
N ALA B 357 -5.17 20.59 -4.21
CA ALA B 357 -5.78 19.27 -4.14
C ALA B 357 -5.59 18.69 -2.75
N ALA B 358 -6.62 17.99 -2.30
CA ALA B 358 -6.55 17.23 -1.08
C ALA B 358 -5.44 16.15 -1.12
N PRO B 359 -4.59 16.12 -0.08
CA PRO B 359 -3.72 14.96 0.12
C PRO B 359 -4.51 13.68 0.37
N GLY B 360 -3.92 12.59 -0.11
CA GLY B 360 -4.40 11.23 0.02
C GLY B 360 -3.43 10.41 -0.83
N GLY B 361 -3.53 9.09 -0.74
CA GLY B 361 -2.68 8.19 -1.54
C GLY B 361 -2.24 7.00 -0.72
N ALA B 362 -1.42 6.15 -1.36
CA ALA B 362 -0.78 4.99 -0.73
C ALA B 362 -0.04 5.41 0.57
N GLY B 363 -0.52 4.86 1.69
CA GLY B 363 0.07 5.08 3.02
C GLY B 363 -0.09 6.48 3.59
N PHE B 364 -1.03 7.25 3.04
CA PHE B 364 -1.26 8.59 3.54
C PHE B 364 -1.80 8.62 4.94
N ALA B 365 -2.82 7.83 5.25
CA ALA B 365 -3.22 7.56 6.64
C ALA B 365 -2.02 7.50 7.60
N ALA B 366 -0.99 6.72 7.23
CA ALA B 366 0.13 6.45 8.14
C ALA B 366 1.10 7.64 8.18
N GLY B 367 1.36 8.26 7.03
CA GLY B 367 2.15 9.50 6.95
C GLY B 367 1.51 10.67 7.70
N GLN B 368 0.19 10.79 7.62
CA GLN B 368 -0.57 11.86 8.23
C GLN B 368 -0.53 11.69 9.75
N GLN B 369 -0.66 10.43 10.16
CA GLN B 369 -0.54 10.07 11.57
C GLN B 369 0.84 10.41 12.14
N ALA B 370 1.91 10.08 11.41
CA ALA B 370 3.28 10.31 11.85
C ALA B 370 3.65 11.79 12.02
N LEU B 371 3.10 12.65 11.17
CA LEU B 371 3.39 14.09 11.27
C LEU B 371 2.68 14.75 12.43
N GLU B 372 1.57 14.18 12.90
CA GLU B 372 0.72 14.84 13.92
C GLU B 372 1.49 15.36 15.16
N PRO B 373 2.37 14.53 15.79
CA PRO B 373 3.07 15.04 17.01
C PRO B 373 3.96 16.22 16.72
N TYR B 374 4.64 16.20 15.57
CA TYR B 374 5.40 17.36 15.10
C TYR B 374 4.50 18.62 14.97
N PHE B 375 3.42 18.50 14.21
CA PHE B 375 2.51 19.60 14.00
C PHE B 375 1.93 20.08 15.34
N ASP B 376 1.72 19.15 16.28
CA ASP B 376 1.25 19.51 17.62
C ASP B 376 2.22 20.45 18.30
N GLU B 377 3.49 20.06 18.42
CA GLU B 377 4.54 20.88 19.01
C GLU B 377 4.59 22.28 18.34
N MET B 378 4.67 22.30 16.99
CA MET B 378 4.74 23.52 16.20
C MET B 378 3.56 24.48 16.49
N PHE B 379 2.33 23.96 16.54
CA PHE B 379 1.16 24.79 16.79
C PHE B 379 1.11 25.32 18.24
N LEU B 380 1.78 24.62 19.17
CA LEU B 380 1.99 25.18 20.52
C LEU B 380 3.18 26.13 20.59
N GLY B 381 3.83 26.40 19.47
CA GLY B 381 4.84 27.44 19.40
C GLY B 381 6.17 27.06 20.05
N ARG B 382 6.38 25.75 20.25
CA ARG B 382 7.68 25.22 20.68
C ARG B 382 8.59 25.05 19.47
N GLY B 383 9.89 25.17 19.65
CA GLY B 383 10.86 25.04 18.52
C GLY B 383 10.78 26.13 17.44
N ASP B 384 11.36 25.82 16.28
CA ASP B 384 11.23 26.71 15.14
C ASP B 384 10.44 25.99 14.05
N VAL B 385 9.50 26.69 13.42
CA VAL B 385 8.71 26.14 12.31
C VAL B 385 9.55 25.34 11.30
N THR B 386 10.64 25.91 10.86
CA THR B 386 11.38 25.38 9.74
C THR B 386 12.04 24.03 10.05
N THR B 387 12.56 23.82 11.26
CA THR B 387 13.21 22.52 11.56
C THR B 387 12.13 21.46 11.74
N THR B 388 11.05 21.84 12.44
CA THR B 388 9.90 20.98 12.67
C THR B 388 9.33 20.43 11.37
N LEU B 389 9.16 21.30 10.37
CA LEU B 389 8.63 20.87 9.08
C LEU B 389 9.58 19.92 8.39
N ARG B 390 10.87 20.23 8.38
CA ARG B 390 11.88 19.33 7.78
C ARG B 390 11.80 17.88 8.36
N GLN B 391 11.78 17.79 9.69
CA GLN B 391 11.68 16.51 10.41
C GLN B 391 10.33 15.80 10.24
N ALA B 392 9.25 16.57 10.40
CA ALA B 392 7.89 16.08 10.13
C ALA B 392 7.74 15.46 8.75
N GLN B 393 8.30 16.11 7.73
CA GLN B 393 8.26 15.59 6.37
C GLN B 393 9.03 14.26 6.24
N ALA B 394 10.24 14.21 6.81
CA ALA B 394 11.04 12.97 6.91
C ALA B 394 10.22 11.84 7.56
N ALA B 395 9.63 12.14 8.72
CA ALA B 395 8.77 11.19 9.44
C ALA B 395 7.50 10.82 8.66
N ALA B 396 6.89 11.79 7.97
CA ALA B 396 5.72 11.47 7.15
C ALA B 396 6.08 10.53 5.95
N ASN B 397 7.11 10.88 5.18
CA ASN B 397 7.60 10.05 4.09
C ASN B 397 8.04 8.61 4.50
N ALA B 398 8.86 8.49 5.58
CA ALA B 398 9.22 7.17 6.17
C ALA B 398 7.99 6.28 6.42
N ALA B 399 6.98 6.83 7.10
CA ALA B 399 5.74 6.10 7.40
C ALA B 399 4.93 5.54 6.19
N THR B 400 5.02 6.19 5.01
CA THR B 400 4.36 5.66 3.78
C THR B 400 5.05 4.38 3.30
#